data_3W5O
#
_entry.id   3W5O
#
_cell.length_a   68.290
_cell.length_b   104.360
_cell.length_c   120.040
_cell.angle_alpha   90.00
_cell.angle_beta   94.08
_cell.angle_gamma   90.00
#
_symmetry.space_group_name_H-M   'P 1 21 1'
#
loop_
_entity.id
_entity.type
_entity.pdbx_description
1 polymer 'DNA ligase 4'
2 non-polymer "ADENOSINE-5'-TRIPHOSPHATE"
3 non-polymer 'SULFATE ION'
4 water water
#
_entity_poly.entity_id   1
_entity_poly.type   'polypeptide(L)'
_entity_poly.pdbx_seq_one_letter_code
;TMAASQTSQTVASHVPFADLCSTLERIQKSKGRAEKIRHFREFLDSWRKFHDALHKNHKDVTDSFYPAMRLILPQLERER
MAYGIKETMLAKLYIELLNLPRDGKDALKLLNYRTPTGTHGDAGDFAMIAYFVLKPRCLQKGSLTIQQVNDLLDSIASNN
SAKRKDLIKKSLLQLITQSSALEQKWLIRMIIKDLKLGVSQQTIFSVFHNDAAELHNVTTDLEKVCRQLHDPSVGLSDIS
ITLFSAFKPMLAAIADIEHIEKDMKHQSFYIETKLDGERMQMHKDGDVYKYFSRNGYNYTDQFGASPTEGSLTPFIHNAF
KADIQICILDGEMMAYNPNTQTFMQKGTKFDIKRMVEDSDLQTCYCVFDVLMVNNKKLGHETLRKRYEILSSIFTPIPGR
IEIVQKTQAHTKNEVIDALNEAIDKREEGIMVKQPLSIYKPDKRGEGWLKIKPEYVSGLMDELDILIVGGYWGKGSRGGM
MSHFLCAVAEKPPPGEKPSVFHTLSRVGSGCTMKELYDLGLKLAKYWKPFHRKAPPSSILCGTEKPEVYIEPCNSVIVQI
KAAEIVPSDMYKTGCTLRFPRIEKIRDDKEWHECMTLDDLEQLRGKASGK
;
_entity_poly.pdbx_strand_id   A,B
#
# COMPACT_ATOMS: atom_id res chain seq x y z
N GLN A 9 36.57 22.48 9.52
CA GLN A 9 35.71 22.11 8.40
C GLN A 9 35.73 20.61 8.20
N THR A 10 34.54 20.00 8.16
CA THR A 10 34.40 18.55 8.03
C THR A 10 33.32 18.17 7.04
N VAL A 11 33.45 16.99 6.44
CA VAL A 11 32.45 16.49 5.52
C VAL A 11 31.05 16.31 6.13
N ALA A 12 30.98 15.69 7.31
CA ALA A 12 29.67 15.37 7.90
C ALA A 12 28.85 16.62 8.22
N SER A 13 29.52 17.74 8.38
CA SER A 13 28.83 18.99 8.64
C SER A 13 28.24 19.55 7.34
N HIS A 14 28.50 18.84 6.24
CA HIS A 14 28.00 19.26 4.92
C HIS A 14 27.05 18.23 4.30
N VAL A 15 27.17 16.97 4.69
CA VAL A 15 26.27 15.98 4.11
C VAL A 15 24.97 15.87 4.85
N PRO A 16 23.87 15.98 4.12
CA PRO A 16 22.55 15.83 4.75
C PRO A 16 22.38 14.41 5.27
N PHE A 17 21.84 14.29 6.46
CA PHE A 17 21.52 13.00 7.05
C PHE A 17 20.60 12.24 6.08
N ALA A 18 19.78 13.00 5.34
CA ALA A 18 18.88 12.47 4.31
C ALA A 18 19.60 11.65 3.24
N ASP A 19 20.75 12.14 2.80
CA ASP A 19 21.59 11.41 1.85
C ASP A 19 21.98 10.02 2.38
N LEU A 20 22.32 9.96 3.66
CA LEU A 20 22.65 8.69 4.30
C LEU A 20 21.46 7.72 4.30
N CYS A 21 20.29 8.24 4.63
CA CYS A 21 19.12 7.38 4.79
C CYS A 21 18.59 6.86 3.47
N SER A 22 18.69 7.70 2.44
CA SER A 22 18.36 7.32 1.07
C SER A 22 19.19 6.09 0.68
N THR A 23 20.49 6.21 0.89
CA THR A 23 21.41 5.13 0.65
C THR A 23 21.04 3.87 1.45
N LEU A 24 20.78 4.05 2.75
CA LEU A 24 20.32 2.93 3.58
C LEU A 24 19.05 2.31 3.05
N GLU A 25 18.10 3.16 2.69
CA GLU A 25 16.85 2.67 2.15
C GLU A 25 17.08 1.92 0.83
N ARG A 26 17.87 2.53 -0.05
CA ARG A 26 18.18 1.90 -1.33
C ARG A 26 18.87 0.56 -1.08
N ILE A 27 19.71 0.49 -0.05
CA ILE A 27 20.36 -0.76 0.27
C ILE A 27 19.36 -1.83 0.71
N GLN A 28 18.59 -1.52 1.74
CA GLN A 28 17.69 -2.50 2.35
C GLN A 28 16.73 -3.16 1.35
N LYS A 29 16.11 -2.34 0.50
CA LYS A 29 15.09 -2.82 -0.42
C LYS A 29 15.71 -3.59 -1.59
N SER A 30 17.03 -3.62 -1.66
CA SER A 30 17.70 -4.34 -2.73
C SER A 30 17.78 -5.83 -2.39
N LYS A 31 17.47 -6.67 -3.37
CA LYS A 31 17.42 -8.10 -3.13
C LYS A 31 18.83 -8.69 -3.21
N GLY A 32 19.50 -8.49 -4.34
CA GLY A 32 20.83 -9.05 -4.52
C GLY A 32 21.90 -8.45 -3.63
N ARG A 33 22.92 -9.24 -3.30
CA ARG A 33 24.07 -8.72 -2.56
C ARG A 33 24.86 -7.72 -3.40
N ALA A 34 24.87 -7.91 -4.72
CA ALA A 34 25.63 -7.01 -5.56
C ALA A 34 24.97 -5.64 -5.60
N GLU A 35 23.65 -5.61 -5.80
CA GLU A 35 22.97 -4.31 -5.87
C GLU A 35 23.08 -3.60 -4.54
N LYS A 36 22.99 -4.35 -3.43
CA LYS A 36 23.18 -3.77 -2.10
C LYS A 36 24.53 -3.07 -1.95
N ILE A 37 25.60 -3.80 -2.21
CA ILE A 37 26.94 -3.25 -2.10
C ILE A 37 27.11 -1.99 -2.95
N ARG A 38 26.46 -1.98 -4.11
CA ARG A 38 26.60 -0.92 -5.10
C ARG A 38 26.15 0.44 -4.59
N HIS A 39 25.02 0.48 -3.92
CA HIS A 39 24.54 1.72 -3.36
C HIS A 39 25.48 2.30 -2.31
N PHE A 40 26.11 1.42 -1.55
CA PHE A 40 27.06 1.83 -0.52
C PHE A 40 28.37 2.30 -1.16
N ARG A 41 28.81 1.59 -2.19
CA ARG A 41 30.00 2.02 -2.92
C ARG A 41 29.76 3.42 -3.42
N GLU A 42 28.56 3.64 -3.96
CA GLU A 42 28.20 4.93 -4.51
C GLU A 42 28.26 6.02 -3.44
N PHE A 43 27.77 5.71 -2.25
CA PHE A 43 27.80 6.68 -1.16
C PHE A 43 29.21 6.99 -0.71
N LEU A 44 29.97 5.94 -0.43
CA LEU A 44 31.36 6.06 -0.01
C LEU A 44 32.19 6.89 -1.01
N ASP A 45 31.95 6.67 -2.31
CA ASP A 45 32.69 7.36 -3.35
C ASP A 45 32.40 8.87 -3.44
N SER A 46 31.18 9.30 -3.18
CA SER A 46 30.88 10.73 -3.23
C SER A 46 31.45 11.39 -2.00
N TRP A 47 31.52 10.64 -0.92
CA TRP A 47 32.03 11.18 0.32
C TRP A 47 33.49 11.47 0.11
N ARG A 48 34.16 10.51 -0.50
CA ARG A 48 35.58 10.63 -0.76
C ARG A 48 35.91 11.78 -1.72
N LYS A 49 35.17 11.87 -2.82
CA LYS A 49 35.40 12.94 -3.77
C LYS A 49 35.26 14.31 -3.09
N PHE A 50 34.19 14.48 -2.32
CA PHE A 50 33.94 15.73 -1.60
C PHE A 50 35.02 16.05 -0.56
N HIS A 51 35.38 15.05 0.25
CA HIS A 51 36.49 15.21 1.20
C HIS A 51 37.74 15.82 0.52
N ASP A 52 38.12 15.28 -0.64
CA ASP A 52 39.29 15.79 -1.36
C ASP A 52 38.98 17.18 -1.89
N ALA A 53 37.72 17.43 -2.21
CA ALA A 53 37.32 18.75 -2.69
C ALA A 53 37.42 19.72 -1.53
N LEU A 54 37.04 19.23 -0.36
CA LEU A 54 36.97 20.08 0.81
C LEU A 54 38.35 20.34 1.40
N HIS A 55 39.15 19.27 1.49
CA HIS A 55 40.46 19.30 2.12
C HIS A 55 41.70 19.43 1.21
N LYS A 56 41.51 20.00 0.02
CA LYS A 56 42.62 20.30 -0.89
C LYS A 56 43.67 21.15 -0.18
N ASN A 57 43.22 22.29 0.36
CA ASN A 57 44.10 23.23 1.02
C ASN A 57 44.61 22.68 2.35
N HIS A 58 43.72 22.03 3.09
CA HIS A 58 44.05 21.48 4.39
C HIS A 58 45.21 20.49 4.35
N VAL A 61 44.74 15.90 7.81
CA VAL A 61 43.41 16.19 8.35
C VAL A 61 42.91 15.01 9.18
N THR A 62 42.14 15.28 10.22
CA THR A 62 41.61 14.21 11.04
C THR A 62 40.18 13.83 10.66
N ASP A 63 39.59 14.59 9.76
CA ASP A 63 38.25 14.29 9.31
C ASP A 63 38.27 12.99 8.52
N SER A 64 37.21 12.20 8.66
CA SER A 64 37.15 10.87 8.05
C SER A 64 35.71 10.43 7.92
N PHE A 65 35.52 9.21 7.41
CA PHE A 65 34.20 8.68 7.14
C PHE A 65 33.42 8.32 8.44
N TYR A 66 34.14 8.35 9.57
CA TYR A 66 33.60 7.90 10.86
C TYR A 66 32.19 8.31 11.24
N PRO A 67 31.84 9.61 11.06
CA PRO A 67 30.48 10.06 11.37
C PRO A 67 29.39 9.22 10.67
N ALA A 68 29.66 8.76 9.45
CA ALA A 68 28.75 7.89 8.72
C ALA A 68 28.94 6.42 9.11
N MET A 69 30.19 5.97 9.08
CA MET A 69 30.51 4.60 9.46
C MET A 69 29.88 4.19 10.81
N ARG A 70 29.89 5.11 11.77
CA ARG A 70 29.32 4.82 13.09
C ARG A 70 27.78 4.71 13.08
N LEU A 71 27.15 5.29 12.06
CA LEU A 71 25.72 5.20 11.89
C LEU A 71 25.37 4.02 11.00
N ILE A 72 26.29 3.65 10.10
CA ILE A 72 26.08 2.46 9.26
C ILE A 72 26.32 1.12 9.96
N LEU A 73 27.32 1.08 10.84
CA LEU A 73 27.54 -0.11 11.66
C LEU A 73 27.41 0.27 13.13
N PRO A 74 26.19 0.68 13.53
CA PRO A 74 25.98 1.24 14.87
C PRO A 74 26.25 0.26 16.01
N GLN A 75 26.28 -1.03 15.71
CA GLN A 75 26.52 -2.05 16.70
C GLN A 75 28.01 -2.06 17.00
N LEU A 76 28.79 -1.38 16.17
CA LEU A 76 30.22 -1.22 16.40
C LEU A 76 30.60 0.12 17.06
N GLU A 77 29.59 0.93 17.39
CA GLU A 77 29.78 2.13 18.22
C GLU A 77 30.44 1.82 19.57
N ARG A 78 31.51 2.54 19.87
CA ARG A 78 32.24 2.31 21.10
C ARG A 78 32.52 3.61 21.84
N GLU A 79 32.41 4.74 21.14
CA GLU A 79 32.63 6.06 21.74
C GLU A 79 31.40 6.46 22.53
N ARG A 80 30.25 6.31 21.87
CA ARG A 80 28.98 6.71 22.46
C ARG A 80 28.49 5.57 23.32
N MET A 81 28.16 5.87 24.55
CA MET A 81 27.65 4.87 25.45
C MET A 81 26.22 4.48 25.07
N ALA A 82 25.58 3.66 25.89
CA ALA A 82 24.20 3.24 25.70
C ALA A 82 23.23 4.43 25.69
N TYR A 83 22.18 4.32 24.87
CA TYR A 83 21.19 5.37 24.75
C TYR A 83 20.17 5.36 25.87
N GLY A 84 19.91 4.18 26.44
CA GLY A 84 18.90 4.07 27.46
C GLY A 84 17.52 4.47 26.97
N ILE A 85 17.26 4.31 25.67
CA ILE A 85 15.95 4.62 25.12
C ILE A 85 15.14 3.34 24.83
N LYS A 86 14.00 3.23 25.52
CA LYS A 86 13.08 2.11 25.37
C LYS A 86 12.04 2.48 24.32
N GLU A 87 11.68 1.53 23.47
CA GLU A 87 10.71 1.77 22.41
C GLU A 87 9.37 2.31 22.92
N THR A 88 9.04 2.02 24.17
CA THR A 88 7.83 2.58 24.78
C THR A 88 7.93 4.09 24.89
N MET A 89 9.10 4.61 25.24
CA MET A 89 9.30 6.04 25.35
C MET A 89 9.03 6.64 23.98
N LEU A 90 9.65 6.04 22.98
CA LEU A 90 9.41 6.40 21.61
C LEU A 90 7.93 6.40 21.23
N ALA A 91 7.21 5.38 21.66
CA ALA A 91 5.80 5.27 21.36
C ALA A 91 5.06 6.44 22.00
N LYS A 92 5.14 6.53 23.33
CA LYS A 92 4.44 7.58 24.07
C LYS A 92 4.81 8.95 23.49
N LEU A 93 6.09 9.12 23.21
CA LEU A 93 6.58 10.35 22.61
C LEU A 93 5.88 10.65 21.27
N TYR A 94 5.84 9.68 20.38
CA TYR A 94 5.19 9.88 19.07
C TYR A 94 3.70 10.14 19.24
N ILE A 95 3.09 9.50 20.23
CA ILE A 95 1.65 9.67 20.42
C ILE A 95 1.37 11.10 20.80
N GLU A 96 2.09 11.58 21.83
CA GLU A 96 1.99 12.97 22.26
C GLU A 96 2.32 13.92 21.11
N LEU A 97 3.36 13.56 20.37
CA LEU A 97 3.85 14.43 19.33
C LEU A 97 2.90 14.57 18.16
N LEU A 98 2.34 13.47 17.73
CA LEU A 98 1.57 13.45 16.50
C LEU A 98 0.10 13.63 16.79
N ASN A 99 -0.23 13.73 18.07
CA ASN A 99 -1.62 13.84 18.49
C ASN A 99 -2.47 12.67 18.01
N LEU A 100 -2.02 11.45 18.30
CA LEU A 100 -2.77 10.26 17.99
C LEU A 100 -3.73 9.95 19.13
N PRO A 101 -4.95 9.52 18.77
CA PRO A 101 -5.88 8.97 19.75
C PRO A 101 -5.18 7.92 20.61
N ARG A 102 -5.09 8.19 21.90
CA ARG A 102 -4.31 7.34 22.79
C ARG A 102 -4.89 5.93 22.93
N ASP A 103 -6.12 5.71 22.48
CA ASP A 103 -6.76 4.39 22.56
C ASP A 103 -6.95 3.76 21.18
N GLY A 104 -6.36 4.38 20.16
CA GLY A 104 -6.48 3.90 18.79
C GLY A 104 -5.42 2.90 18.38
N LYS A 105 -5.64 2.27 17.22
CA LYS A 105 -4.75 1.20 16.76
C LYS A 105 -3.29 1.61 16.62
N ASP A 106 -3.03 2.80 16.08
CA ASP A 106 -1.66 3.28 15.94
C ASP A 106 -0.95 3.31 17.27
N ALA A 107 -1.54 4.00 18.23
CA ALA A 107 -0.94 4.13 19.54
C ALA A 107 -0.65 2.76 20.13
N LEU A 108 -1.68 1.93 20.16
CA LEU A 108 -1.55 0.61 20.76
C LEU A 108 -0.54 -0.28 20.00
N LYS A 109 -0.43 -0.13 18.69
CA LYS A 109 0.51 -0.94 17.91
C LYS A 109 1.94 -0.66 18.39
N LEU A 110 2.22 0.62 18.59
CA LEU A 110 3.50 1.10 19.07
C LEU A 110 3.79 0.65 20.49
N LEU A 111 2.83 0.90 21.39
CA LEU A 111 3.05 0.66 22.81
C LEU A 111 3.26 -0.83 23.04
N ASN A 112 2.40 -1.65 22.46
CA ASN A 112 2.45 -3.09 22.71
C ASN A 112 3.24 -3.85 21.65
N TYR A 113 4.29 -3.22 21.15
CA TYR A 113 5.17 -3.84 20.17
C TYR A 113 6.01 -4.97 20.78
N ARG A 114 6.07 -6.11 20.10
CA ARG A 114 6.91 -7.22 20.53
C ARG A 114 8.12 -7.43 19.60
N THR A 115 7.93 -8.21 18.55
CA THR A 115 9.00 -8.52 17.59
C THR A 115 8.42 -9.09 16.29
N GLY A 124 8.91 -5.78 9.67
CA GLY A 124 7.83 -5.52 10.59
C GLY A 124 8.32 -5.18 11.99
N ASP A 125 9.48 -4.52 12.07
CA ASP A 125 10.07 -4.12 13.35
C ASP A 125 9.51 -2.79 13.83
N PHE A 126 10.01 -2.31 14.96
CA PHE A 126 9.45 -1.11 15.53
C PHE A 126 9.59 0.11 14.61
N ALA A 127 10.74 0.26 13.96
CA ALA A 127 10.94 1.40 13.04
C ALA A 127 9.94 1.38 11.89
N MET A 128 9.66 0.19 11.36
CA MET A 128 8.69 0.04 10.29
C MET A 128 7.28 0.47 10.69
N ILE A 129 6.85 0.03 11.86
CA ILE A 129 5.60 0.46 12.42
C ILE A 129 5.59 1.98 12.59
N ALA A 130 6.68 2.53 13.13
CA ALA A 130 6.72 3.98 13.35
C ALA A 130 6.71 4.75 12.03
N TYR A 131 7.40 4.20 11.04
CA TYR A 131 7.44 4.82 9.75
C TYR A 131 6.07 4.86 9.12
N PHE A 132 5.33 3.76 9.21
CA PHE A 132 4.02 3.71 8.55
C PHE A 132 2.99 4.60 9.22
N VAL A 133 3.18 4.87 10.51
CA VAL A 133 2.35 5.85 11.21
C VAL A 133 2.78 7.24 10.83
N LEU A 134 4.09 7.45 10.76
CA LEU A 134 4.66 8.75 10.37
C LEU A 134 4.41 9.11 8.91
N LYS A 135 4.40 8.11 8.04
CA LYS A 135 4.38 8.34 6.60
C LYS A 135 3.29 9.30 6.10
N PRO A 136 2.02 9.08 6.53
CA PRO A 136 0.99 9.98 5.99
C PRO A 136 0.85 11.25 6.79
N ARG A 137 1.58 11.32 7.89
CA ARG A 137 1.40 12.38 8.88
C ARG A 137 2.57 13.36 8.92
N CYS A 138 3.77 12.85 8.67
CA CYS A 138 4.96 13.69 8.68
C CYS A 138 5.35 14.05 7.27
N LEU A 139 5.26 15.34 6.92
CA LEU A 139 5.57 15.74 5.56
C LEU A 139 6.87 16.47 5.39
N GLN A 140 7.45 16.91 6.50
CA GLN A 140 8.67 17.71 6.48
C GLN A 140 9.81 17.01 5.75
N LYS A 141 10.68 17.83 5.17
CA LYS A 141 11.93 17.36 4.62
C LYS A 141 12.95 17.54 5.76
N GLY A 142 13.99 16.71 5.80
CA GLY A 142 14.99 16.80 6.86
C GLY A 142 15.79 18.10 6.88
N SER A 143 16.35 18.39 8.05
CA SER A 143 17.17 19.57 8.23
C SER A 143 18.59 19.19 8.73
N LEU A 144 18.71 18.08 9.42
CA LEU A 144 19.97 17.76 10.06
C LEU A 144 21.07 17.27 9.09
N THR A 145 22.30 17.60 9.46
CA THR A 145 23.48 17.05 8.84
C THR A 145 23.88 15.79 9.59
N ILE A 146 24.69 14.97 8.95
CA ILE A 146 25.18 13.78 9.61
C ILE A 146 25.90 14.22 10.90
N GLN A 147 26.60 15.35 10.86
CA GLN A 147 27.20 15.83 12.07
C GLN A 147 26.13 16.08 13.15
N GLN A 148 25.12 16.88 12.82
CA GLN A 148 24.09 17.21 13.79
C GLN A 148 23.40 15.99 14.44
N VAL A 149 23.03 15.00 13.63
CA VAL A 149 22.50 13.74 14.14
C VAL A 149 23.46 13.15 15.17
N ASN A 150 24.72 13.18 14.81
CA ASN A 150 25.74 12.62 15.67
C ASN A 150 25.85 13.44 16.94
N ASP A 151 25.79 14.77 16.77
CA ASP A 151 25.74 15.69 17.90
C ASP A 151 24.56 15.33 18.81
N LEU A 152 23.38 15.13 18.21
CA LEU A 152 22.17 14.86 18.97
C LEU A 152 22.23 13.51 19.71
N LEU A 153 22.76 12.48 19.03
CA LEU A 153 22.93 11.18 19.67
C LEU A 153 23.93 11.21 20.85
N ASP A 154 24.98 12.01 20.72
CA ASP A 154 25.93 12.21 21.81
C ASP A 154 25.16 12.67 23.02
N SER A 155 24.32 13.68 22.80
CA SER A 155 23.57 14.30 23.87
C SER A 155 22.64 13.30 24.55
N ILE A 156 22.06 12.41 23.77
CA ILE A 156 21.19 11.40 24.36
C ILE A 156 21.98 10.47 25.23
N ALA A 157 23.11 9.96 24.72
CA ALA A 157 23.92 9.03 25.51
C ALA A 157 24.41 9.69 26.82
N SER A 158 24.84 10.94 26.68
CA SER A 158 25.40 11.67 27.80
C SER A 158 24.34 11.85 28.87
N ASN A 159 23.13 12.20 28.47
CA ASN A 159 22.13 12.46 29.49
C ASN A 159 21.61 11.18 30.12
N ASN A 160 21.73 10.07 29.41
CA ASN A 160 21.41 8.77 29.99
C ASN A 160 22.39 8.42 31.12
N SER A 161 23.68 8.62 30.87
CA SER A 161 24.69 8.40 31.90
C SER A 161 24.38 9.22 33.14
N ALA A 162 23.80 10.40 32.92
CA ALA A 162 23.54 11.34 34.00
C ALA A 162 22.19 11.10 34.64
N LYS A 163 21.45 10.12 34.09
CA LYS A 163 20.08 9.81 34.51
C LYS A 163 19.14 11.03 34.42
N ARG A 164 19.29 11.79 33.34
CA ARG A 164 18.46 12.96 33.04
C ARG A 164 17.47 12.67 31.89
N LYS A 165 16.26 12.21 32.24
CA LYS A 165 15.29 11.79 31.23
C LYS A 165 14.73 12.97 30.42
N ASP A 166 14.53 14.11 31.07
CA ASP A 166 14.00 15.31 30.42
C ASP A 166 14.85 15.73 29.20
N LEU A 167 16.17 15.69 29.37
CA LEU A 167 17.12 16.10 28.33
C LEU A 167 17.27 15.07 27.21
N ILE A 168 16.91 13.82 27.49
CA ILE A 168 16.84 12.84 26.43
C ILE A 168 15.60 13.13 25.62
N LYS A 169 14.48 13.35 26.30
CA LYS A 169 13.21 13.65 25.64
C LYS A 169 13.38 14.83 24.71
N LYS A 170 14.05 15.87 25.20
CA LYS A 170 14.24 17.09 24.45
C LYS A 170 15.16 16.90 23.27
N SER A 171 16.15 16.01 23.41
CA SER A 171 17.12 15.69 22.35
C SER A 171 16.47 14.87 21.25
N LEU A 172 15.68 13.88 21.65
CA LEU A 172 14.86 13.11 20.73
C LEU A 172 13.95 14.05 19.95
N LEU A 173 13.41 15.02 20.67
CA LEU A 173 12.53 15.98 20.09
C LEU A 173 13.21 16.75 18.96
N GLN A 174 14.41 17.25 19.21
CA GLN A 174 15.15 17.96 18.17
C GLN A 174 15.41 16.99 17.01
N LEU A 175 15.83 15.76 17.33
CA LEU A 175 16.01 14.75 16.29
C LEU A 175 14.76 14.52 15.42
N ILE A 176 13.63 14.26 16.07
CA ILE A 176 12.41 13.87 15.38
C ILE A 176 11.74 14.95 14.53
N THR A 177 11.51 16.09 15.14
CA THR A 177 10.78 17.16 14.48
C THR A 177 11.60 17.79 13.35
N GLN A 178 12.90 17.54 13.35
CA GLN A 178 13.79 18.13 12.33
C GLN A 178 14.13 17.16 11.23
N SER A 179 13.52 15.98 11.29
CA SER A 179 13.79 14.93 10.33
C SER A 179 12.54 14.53 9.56
N SER A 180 12.75 13.87 8.42
CA SER A 180 11.66 13.35 7.63
C SER A 180 11.32 11.96 8.18
N ALA A 181 10.19 11.41 7.72
CA ALA A 181 9.70 10.14 8.22
C ALA A 181 10.72 9.07 7.99
N LEU A 182 11.31 9.06 6.79
CA LEU A 182 12.28 8.02 6.47
C LEU A 182 13.52 8.18 7.33
N GLU A 183 13.95 9.42 7.51
CA GLU A 183 15.08 9.71 8.39
C GLU A 183 14.75 9.21 9.75
N GLN A 184 13.49 9.28 10.13
CA GLN A 184 13.06 8.79 11.44
C GLN A 184 13.09 7.29 11.55
N LYS A 185 12.67 6.61 10.48
CA LYS A 185 12.78 5.14 10.44
C LYS A 185 14.22 4.69 10.73
N TRP A 186 15.17 5.26 10.00
CA TRP A 186 16.58 4.89 10.15
C TRP A 186 17.23 5.34 11.45
N LEU A 187 16.87 6.55 11.89
CA LEU A 187 17.23 7.04 13.21
C LEU A 187 16.92 5.98 14.25
N ILE A 188 15.70 5.45 14.20
CA ILE A 188 15.31 4.45 15.17
C ILE A 188 16.22 3.21 15.09
N ARG A 189 16.45 2.71 13.89
CA ARG A 189 17.33 1.56 13.75
C ARG A 189 18.75 1.86 14.23
N MET A 190 19.20 3.08 13.96
CA MET A 190 20.51 3.53 14.43
C MET A 190 20.58 3.59 15.96
N ILE A 191 19.43 3.86 16.62
CA ILE A 191 19.33 3.89 18.10
C ILE A 191 19.22 2.48 18.70
N ILE A 192 18.38 1.63 18.12
CA ILE A 192 18.26 0.24 18.52
C ILE A 192 19.51 -0.58 18.10
N LYS A 193 20.34 0.00 17.24
CA LYS A 193 21.56 -0.64 16.77
C LYS A 193 21.32 -1.93 15.95
N ASP A 194 20.37 -1.86 15.03
CA ASP A 194 20.08 -2.96 14.09
C ASP A 194 19.52 -2.41 12.78
N LEU A 195 20.38 -2.24 11.81
CA LEU A 195 19.97 -1.58 10.60
C LEU A 195 19.14 -2.49 9.72
N LYS A 196 19.27 -3.80 9.95
CA LYS A 196 18.61 -4.83 9.11
C LYS A 196 18.91 -4.69 7.60
N LEU A 197 20.17 -4.47 7.24
CA LEU A 197 20.51 -4.09 5.87
C LEU A 197 20.57 -5.23 4.89
N GLY A 198 20.99 -6.38 5.37
CA GLY A 198 21.01 -7.54 4.54
C GLY A 198 22.37 -7.74 3.96
N VAL A 199 23.35 -7.24 4.65
CA VAL A 199 24.70 -7.38 4.19
C VAL A 199 25.49 -7.33 5.46
N SER A 200 26.43 -8.24 5.55
CA SER A 200 27.21 -8.41 6.79
C SER A 200 28.14 -7.24 7.01
N GLN A 201 28.62 -7.06 8.25
CA GLN A 201 29.58 -5.99 8.48
C GLN A 201 30.90 -6.28 7.80
N GLN A 202 31.24 -7.57 7.70
CA GLN A 202 32.46 -8.01 7.04
C GLN A 202 32.43 -7.60 5.59
N THR A 203 31.26 -7.71 4.95
CA THR A 203 31.11 -7.24 3.60
C THR A 203 31.38 -5.75 3.51
N ILE A 204 30.73 -4.97 4.38
CA ILE A 204 30.93 -3.52 4.44
C ILE A 204 32.42 -3.10 4.55
N PHE A 205 33.13 -3.71 5.50
CA PHE A 205 34.54 -3.39 5.72
C PHE A 205 35.34 -3.65 4.45
N SER A 206 35.01 -4.74 3.75
CA SER A 206 35.72 -5.16 2.55
C SER A 206 35.58 -4.13 1.44
N VAL A 207 34.37 -3.57 1.33
CA VAL A 207 34.08 -2.54 0.36
C VAL A 207 34.72 -1.22 0.76
N PHE A 208 34.84 -0.99 2.06
CA PHE A 208 35.44 0.25 2.55
C PHE A 208 36.94 0.23 2.28
N HIS A 209 37.59 -0.84 2.67
CA HIS A 209 39.02 -0.96 2.46
C HIS A 209 39.47 -2.41 2.50
N ASN A 210 40.44 -2.75 1.66
CA ASN A 210 41.06 -4.07 1.69
C ASN A 210 41.44 -4.48 3.10
N ASP A 211 41.86 -3.49 3.88
CA ASP A 211 42.47 -3.69 5.19
C ASP A 211 41.59 -3.42 6.41
N ALA A 212 40.38 -2.93 6.16
CA ALA A 212 39.48 -2.53 7.23
C ALA A 212 39.28 -3.60 8.27
N ALA A 213 38.82 -4.77 7.83
CA ALA A 213 38.43 -5.84 8.72
C ALA A 213 39.56 -6.25 9.66
N GLU A 214 40.72 -6.47 9.07
CA GLU A 214 41.90 -6.86 9.81
C GLU A 214 42.27 -5.81 10.86
N LEU A 215 42.30 -4.54 10.44
CA LEU A 215 42.62 -3.42 11.34
C LEU A 215 41.64 -3.31 12.52
N HIS A 216 40.36 -3.54 12.23
CA HIS A 216 39.34 -3.52 13.25
C HIS A 216 39.49 -4.69 14.23
N ASN A 217 40.03 -5.80 13.74
CA ASN A 217 40.23 -6.95 14.59
C ASN A 217 41.30 -6.71 15.64
N VAL A 218 42.12 -5.67 15.47
CA VAL A 218 43.20 -5.37 16.44
C VAL A 218 42.98 -4.04 17.17
N THR A 219 41.95 -3.32 16.73
CA THR A 219 41.52 -2.09 17.36
C THR A 219 40.01 -2.01 17.22
N THR A 220 39.24 -2.39 18.24
CA THR A 220 37.80 -2.40 18.06
C THR A 220 37.31 -0.97 17.97
N ASP A 221 37.68 -0.28 16.90
CA ASP A 221 37.51 1.16 16.81
C ASP A 221 37.25 1.64 15.40
N LEU A 222 35.99 1.94 15.11
CA LEU A 222 35.63 2.40 13.78
C LEU A 222 36.44 3.63 13.39
N GLU A 223 36.73 4.50 14.36
CA GLU A 223 37.29 5.79 14.00
C GLU A 223 38.70 5.64 13.42
N LYS A 224 39.51 4.82 14.08
CA LYS A 224 40.87 4.55 13.62
C LYS A 224 40.83 3.85 12.26
N VAL A 225 39.97 2.84 12.15
CA VAL A 225 39.67 2.19 10.87
C VAL A 225 39.51 3.26 9.78
N CYS A 226 38.53 4.14 9.95
CA CYS A 226 38.24 5.15 8.92
C CYS A 226 39.38 6.15 8.72
N ARG A 227 39.90 6.70 9.80
CA ARG A 227 41.00 7.66 9.74
C ARG A 227 42.23 7.06 9.08
N GLN A 228 42.73 5.95 9.61
CA GLN A 228 43.97 5.37 9.13
C GLN A 228 43.89 4.80 7.71
N LEU A 229 42.73 4.29 7.31
CA LEU A 229 42.57 3.76 5.96
C LEU A 229 41.65 4.64 5.12
N HIS A 230 41.84 5.94 5.17
CA HIS A 230 41.02 6.85 4.40
C HIS A 230 41.20 6.73 2.88
N ASP A 231 42.42 6.49 2.43
CA ASP A 231 42.69 6.26 1.02
C ASP A 231 42.58 4.76 0.72
N PRO A 232 41.68 4.38 -0.21
CA PRO A 232 41.51 2.95 -0.52
C PRO A 232 42.70 2.28 -1.19
N SER A 233 43.73 3.04 -1.53
CA SER A 233 44.84 2.47 -2.28
C SER A 233 46.12 2.49 -1.44
N VAL A 234 46.01 3.01 -0.23
CA VAL A 234 47.08 2.87 0.72
C VAL A 234 46.72 1.84 1.80
N GLY A 235 47.48 0.75 1.79
CA GLY A 235 47.41 -0.30 2.79
C GLY A 235 48.29 -0.05 3.99
N LEU A 236 48.08 -0.82 5.05
CA LEU A 236 48.96 -0.77 6.19
C LEU A 236 49.81 -2.03 6.15
N SER A 237 51.13 -1.85 6.21
CA SER A 237 52.06 -2.94 6.06
C SER A 237 52.03 -4.02 7.15
N ASP A 238 51.92 -3.60 8.40
CA ASP A 238 52.01 -4.53 9.52
C ASP A 238 50.90 -4.35 10.55
N ILE A 239 49.72 -4.89 10.27
CA ILE A 239 48.61 -4.72 11.18
C ILE A 239 48.76 -5.69 12.34
N SER A 240 48.87 -5.16 13.56
CA SER A 240 49.07 -6.02 14.72
C SER A 240 48.50 -5.49 16.04
N ILE A 241 48.44 -6.41 17.02
CA ILE A 241 47.97 -6.14 18.37
C ILE A 241 48.84 -5.09 19.01
N THR A 242 48.26 -3.95 19.35
CA THR A 242 49.02 -2.87 19.94
C THR A 242 48.55 -2.57 21.36
N LEU A 243 49.47 -2.08 22.20
CA LEU A 243 49.19 -1.80 23.60
C LEU A 243 48.11 -0.75 23.74
N PHE A 244 47.10 -1.05 24.58
CA PHE A 244 45.97 -0.14 24.84
C PHE A 244 44.99 -0.06 23.67
N SER A 245 45.20 -0.88 22.65
CA SER A 245 44.22 -1.13 21.59
C SER A 245 43.54 -2.47 21.79
N ALA A 246 42.21 -2.44 21.82
CA ALA A 246 41.40 -3.63 22.01
C ALA A 246 41.32 -4.49 20.77
N PHE A 247 41.91 -5.67 20.83
CA PHE A 247 41.82 -6.64 19.75
C PHE A 247 40.69 -7.63 20.05
N LYS A 248 40.03 -8.11 19.01
CA LYS A 248 38.97 -9.11 19.18
C LYS A 248 39.57 -10.45 19.56
N PRO A 249 39.05 -11.08 20.61
CA PRO A 249 39.61 -12.35 21.08
C PRO A 249 39.53 -13.44 20.03
N MET A 250 40.54 -14.30 20.05
CA MET A 250 40.56 -15.53 19.28
C MET A 250 39.50 -16.42 19.85
N LEU A 251 38.80 -17.14 19.00
CA LEU A 251 37.72 -18.01 19.41
C LEU A 251 38.01 -19.48 19.19
N ALA A 252 37.22 -20.33 19.84
CA ALA A 252 37.37 -21.80 19.77
C ALA A 252 36.26 -22.54 18.95
N ALA A 253 36.66 -23.55 18.19
CA ALA A 253 35.70 -24.30 17.42
C ALA A 253 35.14 -25.47 18.22
N ILE A 254 33.85 -25.74 17.99
CA ILE A 254 33.16 -26.91 18.50
C ILE A 254 33.84 -28.16 17.92
N ALA A 255 34.06 -29.17 18.75
CA ALA A 255 34.80 -30.36 18.34
C ALA A 255 34.13 -31.69 18.76
N ASP A 256 34.13 -32.67 17.84
CA ASP A 256 33.67 -34.01 18.18
C ASP A 256 34.76 -34.73 18.94
N ILE A 257 34.38 -35.35 20.06
CA ILE A 257 35.34 -36.13 20.85
C ILE A 257 35.93 -37.31 20.06
N GLU A 258 35.10 -37.98 19.25
CA GLU A 258 35.55 -39.18 18.53
C GLU A 258 36.61 -38.88 17.46
N HIS A 259 36.67 -37.63 17.02
CA HIS A 259 37.58 -37.25 15.94
C HIS A 259 38.58 -36.19 16.38
N ILE A 260 38.98 -36.24 17.65
CA ILE A 260 39.86 -35.21 18.21
C ILE A 260 41.35 -35.39 17.88
N GLU A 261 41.85 -36.62 17.95
CA GLU A 261 43.26 -36.91 17.66
C GLU A 261 43.66 -36.43 16.28
N LYS A 262 42.79 -36.69 15.30
CA LYS A 262 43.01 -36.21 13.95
C LYS A 262 42.95 -34.69 13.90
N ASP A 263 41.91 -34.10 14.51
CA ASP A 263 41.75 -32.64 14.58
C ASP A 263 43.03 -31.96 15.06
N MET A 264 43.75 -32.64 15.96
CA MET A 264 45.01 -32.10 16.47
C MET A 264 46.20 -32.64 15.71
N LYS A 265 45.97 -33.05 14.46
CA LYS A 265 47.03 -33.39 13.53
C LYS A 265 47.93 -34.51 14.04
N HIS A 266 47.36 -35.42 14.83
CA HIS A 266 48.05 -36.63 15.28
C HIS A 266 49.38 -36.42 16.02
N GLN A 267 49.66 -35.19 16.44
CA GLN A 267 50.82 -34.92 17.26
C GLN A 267 50.32 -34.57 18.66
N SER A 268 51.22 -34.14 19.55
CA SER A 268 50.86 -33.83 20.92
C SER A 268 50.15 -32.48 21.06
N PHE A 269 49.22 -32.37 22.01
CA PHE A 269 48.42 -31.15 22.18
C PHE A 269 48.20 -30.75 23.63
N TYR A 270 47.61 -29.57 23.83
CA TYR A 270 47.22 -29.13 25.16
C TYR A 270 45.73 -29.33 25.44
N ILE A 271 45.45 -29.83 26.65
CA ILE A 271 44.12 -29.82 27.22
C ILE A 271 44.13 -28.79 28.34
N GLU A 272 43.21 -27.86 28.28
CA GLU A 272 43.18 -26.73 29.20
C GLU A 272 41.77 -26.55 29.76
N THR A 273 41.69 -26.14 31.01
CA THR A 273 40.39 -25.97 31.66
C THR A 273 39.55 -24.90 30.96
N LYS A 274 38.28 -25.20 30.73
CA LYS A 274 37.36 -24.26 30.14
C LYS A 274 36.57 -23.48 31.20
N LEU A 275 36.76 -22.17 31.28
CA LEU A 275 36.17 -21.40 32.38
C LEU A 275 34.99 -20.55 31.94
N ASP A 276 33.88 -20.66 32.64
CA ASP A 276 32.69 -19.92 32.28
C ASP A 276 32.64 -18.54 32.95
N GLY A 277 33.47 -17.59 32.48
CA GLY A 277 33.47 -16.22 33.01
C GLY A 277 33.46 -15.10 31.98
N GLU A 278 33.90 -13.91 32.39
CA GLU A 278 33.99 -12.77 31.49
C GLU A 278 35.36 -12.74 30.84
N ARG A 279 35.39 -13.00 29.53
CA ARG A 279 36.61 -12.86 28.73
C ARG A 279 37.11 -11.45 28.83
N MET A 280 38.40 -11.31 29.08
CA MET A 280 38.92 -9.99 29.35
C MET A 280 40.39 -9.92 28.96
N GLN A 281 40.80 -8.82 28.34
CA GLN A 281 42.22 -8.60 28.05
C GLN A 281 42.75 -7.50 28.95
N MET A 282 43.95 -7.70 29.49
CA MET A 282 44.58 -6.67 30.31
C MET A 282 45.77 -6.09 29.60
N HIS A 283 45.81 -4.76 29.54
CA HIS A 283 46.94 -4.06 28.96
C HIS A 283 47.64 -3.32 30.08
N LYS A 284 48.94 -3.58 30.25
CA LYS A 284 49.71 -3.04 31.36
C LYS A 284 50.98 -2.40 30.87
N ASP A 285 51.21 -1.17 31.32
CA ASP A 285 52.48 -0.45 31.13
C ASP A 285 52.76 0.24 32.45
N GLY A 286 53.65 -0.38 33.24
CA GLY A 286 54.00 0.14 34.54
C GLY A 286 52.81 0.35 35.46
N ASP A 287 52.64 1.57 35.93
CA ASP A 287 51.57 1.83 36.90
C ASP A 287 50.24 1.95 36.17
N VAL A 288 50.23 1.67 34.87
CA VAL A 288 49.07 1.95 34.01
C VAL A 288 48.35 0.73 33.43
N TYR A 289 47.03 0.64 33.67
CA TYR A 289 46.23 -0.49 33.20
C TYR A 289 44.96 -0.13 32.40
N LYS A 290 44.68 -0.92 31.36
CA LYS A 290 43.37 -0.90 30.72
C LYS A 290 42.89 -2.34 30.62
N TYR A 291 41.58 -2.53 30.71
CA TYR A 291 40.95 -3.83 30.49
C TYR A 291 39.82 -3.77 29.45
N PHE A 292 39.86 -4.69 28.48
CA PHE A 292 38.79 -4.75 27.48
C PHE A 292 38.08 -6.10 27.45
N SER A 293 36.77 -6.01 27.23
CA SER A 293 35.94 -7.19 27.14
C SER A 293 35.98 -7.80 25.75
N ARG A 294 35.24 -8.89 25.56
CA ARG A 294 35.17 -9.58 24.29
C ARG A 294 34.78 -8.65 23.13
N ASN A 295 34.00 -7.60 23.41
CA ASN A 295 33.56 -6.68 22.35
C ASN A 295 34.27 -5.33 22.36
N GLY A 296 35.35 -5.21 23.12
CA GLY A 296 36.17 -4.03 23.06
C GLY A 296 35.60 -2.88 23.84
N TYR A 297 34.87 -3.23 24.88
CA TYR A 297 34.35 -2.26 25.84
C TYR A 297 35.36 -2.07 26.97
N ASN A 298 35.47 -0.85 27.49
CA ASN A 298 36.47 -0.56 28.51
C ASN A 298 35.95 -0.77 29.94
N TYR A 299 36.46 -1.80 30.60
CA TYR A 299 36.07 -2.17 31.95
C TYR A 299 37.14 -1.82 32.94
N THR A 300 37.95 -0.82 32.61
CA THR A 300 39.04 -0.40 33.49
C THR A 300 38.56 0.13 34.84
N ASP A 301 37.54 0.98 34.81
CA ASP A 301 36.98 1.57 36.02
C ASP A 301 36.64 0.49 37.05
N GLN A 302 36.19 -0.67 36.58
CA GLN A 302 35.89 -1.77 37.49
C GLN A 302 37.13 -2.44 38.03
N PHE A 303 38.06 -2.80 37.15
CA PHE A 303 39.19 -3.62 37.57
C PHE A 303 40.33 -2.80 38.18
N GLY A 304 40.50 -1.58 37.71
CA GLY A 304 41.56 -0.71 38.19
C GLY A 304 42.60 -0.27 37.16
N ALA A 305 42.77 1.04 37.06
CA ALA A 305 43.66 1.68 36.09
C ALA A 305 45.06 1.77 36.62
N SER A 306 45.16 1.71 37.94
CA SER A 306 46.40 1.94 38.66
C SER A 306 46.35 1.05 39.86
N PRO A 307 47.51 0.75 40.44
CA PRO A 307 47.54 -0.12 41.63
C PRO A 307 46.89 0.51 42.89
N THR A 308 46.40 1.73 42.76
CA THR A 308 45.78 2.40 43.89
C THR A 308 44.28 2.46 43.70
N GLU A 309 43.81 1.90 42.59
CA GLU A 309 42.40 1.97 42.28
C GLU A 309 41.92 0.69 41.63
N GLY A 310 40.66 0.35 41.88
CA GLY A 310 40.04 -0.77 41.22
C GLY A 310 39.75 -1.94 42.11
N SER A 311 39.14 -2.96 41.52
CA SER A 311 38.70 -4.11 42.27
C SER A 311 39.70 -5.23 42.07
N LEU A 312 40.64 -5.03 41.14
CA LEU A 312 41.60 -6.08 40.84
C LEU A 312 43.05 -5.64 40.79
N THR A 313 43.37 -4.66 39.97
CA THR A 313 44.74 -4.20 39.82
C THR A 313 45.58 -4.09 41.14
N PRO A 314 44.99 -3.54 42.23
CA PRO A 314 45.83 -3.43 43.43
C PRO A 314 46.29 -4.76 44.02
N PHE A 315 45.53 -5.81 43.75
CA PHE A 315 45.82 -7.10 44.35
C PHE A 315 46.74 -7.94 43.47
N ILE A 316 47.03 -7.46 42.26
CA ILE A 316 47.83 -8.23 41.32
C ILE A 316 49.07 -7.45 40.82
N HIS A 317 49.01 -6.13 40.95
CA HIS A 317 50.08 -5.26 40.47
C HIS A 317 51.45 -5.72 40.93
N ASN A 318 51.52 -6.16 42.18
CA ASN A 318 52.80 -6.57 42.72
C ASN A 318 53.09 -8.05 42.46
N ALA A 319 52.28 -8.68 41.62
CA ALA A 319 52.51 -10.09 41.29
C ALA A 319 53.34 -10.19 40.05
N PHE A 320 53.48 -9.07 39.36
CA PHE A 320 54.28 -9.04 38.15
C PHE A 320 55.74 -9.06 38.49
N LYS A 321 56.45 -9.96 37.83
CA LYS A 321 57.87 -10.10 38.05
C LYS A 321 58.63 -8.80 37.72
N ALA A 322 59.86 -8.71 38.23
CA ALA A 322 60.67 -7.49 38.21
C ALA A 322 60.97 -6.95 36.81
N ASP A 323 61.30 -7.83 35.88
CA ASP A 323 61.66 -7.45 34.52
C ASP A 323 60.48 -7.02 33.64
N ILE A 324 59.27 -7.08 34.18
CA ILE A 324 58.05 -6.86 33.39
C ILE A 324 57.47 -5.45 33.45
N GLN A 325 57.67 -4.67 32.39
CA GLN A 325 57.14 -3.31 32.35
C GLN A 325 55.85 -3.29 31.57
N ILE A 326 55.87 -3.92 30.40
CA ILE A 326 54.71 -3.93 29.56
C ILE A 326 54.28 -5.38 29.29
N CYS A 327 52.99 -5.66 29.40
CA CYS A 327 52.47 -6.90 28.86
C CYS A 327 50.99 -6.82 28.46
N ILE A 328 50.57 -7.80 27.67
CA ILE A 328 49.17 -7.96 27.28
C ILE A 328 48.75 -9.40 27.52
N LEU A 329 47.75 -9.56 28.39
CA LEU A 329 47.22 -10.88 28.76
C LEU A 329 45.81 -11.14 28.23
N ASP A 330 45.51 -12.39 27.95
CA ASP A 330 44.15 -12.83 27.62
C ASP A 330 43.70 -13.80 28.70
N GLY A 331 42.46 -13.70 29.14
CA GLY A 331 41.96 -14.62 30.13
C GLY A 331 40.50 -14.42 30.48
N GLU A 332 40.07 -15.10 31.53
CA GLU A 332 38.70 -15.02 32.02
C GLU A 332 38.66 -14.44 33.45
N MET A 333 37.79 -13.45 33.64
CA MET A 333 37.53 -12.92 34.97
C MET A 333 36.52 -13.83 35.65
N MET A 334 36.87 -14.31 36.83
CA MET A 334 35.99 -15.19 37.58
C MET A 334 35.59 -14.49 38.87
N ALA A 335 34.48 -14.92 39.46
CA ALA A 335 34.15 -14.57 40.84
C ALA A 335 34.59 -15.77 41.69
N TYR A 336 35.43 -15.49 42.68
CA TYR A 336 36.05 -16.51 43.50
C TYR A 336 35.54 -16.38 44.91
N ASN A 337 35.26 -17.51 45.56
CA ASN A 337 34.91 -17.47 46.96
C ASN A 337 36.09 -17.94 47.81
N PRO A 338 36.68 -17.03 48.60
CA PRO A 338 37.81 -17.40 49.46
C PRO A 338 37.43 -18.48 50.47
N ASN A 339 36.27 -18.38 51.11
CA ASN A 339 35.96 -19.28 52.19
C ASN A 339 35.83 -20.74 51.76
N THR A 340 35.54 -20.96 50.49
CA THR A 340 35.40 -22.32 49.97
C THR A 340 36.40 -22.64 48.87
N GLN A 341 37.14 -21.63 48.43
CA GLN A 341 38.16 -21.83 47.40
C GLN A 341 37.58 -22.33 46.09
N THR A 342 36.48 -21.72 45.69
CA THR A 342 35.70 -22.13 44.52
C THR A 342 35.42 -20.95 43.59
N PHE A 343 35.35 -21.21 42.30
CA PHE A 343 34.78 -20.22 41.37
C PHE A 343 33.26 -20.29 41.33
N MET A 344 32.63 -19.12 41.26
CA MET A 344 31.18 -19.06 41.17
C MET A 344 30.70 -18.96 39.72
N GLN A 345 29.87 -19.92 39.33
CA GLN A 345 29.27 -19.97 38.01
C GLN A 345 28.36 -18.77 37.78
N LYS A 346 28.16 -18.44 36.50
CA LYS A 346 27.28 -17.35 36.07
C LYS A 346 25.85 -17.47 36.57
N GLY A 347 25.27 -18.66 36.50
CA GLY A 347 23.86 -18.84 36.86
C GLY A 347 23.54 -19.19 38.31
N THR A 348 23.08 -18.22 39.08
CA THR A 348 22.72 -18.47 40.47
C THR A 348 21.55 -17.58 40.95
N LYS A 349 20.73 -18.07 41.87
CA LYS A 349 19.66 -17.26 42.48
C LYS A 349 20.24 -16.04 43.20
N PHE A 350 21.52 -16.13 43.59
CA PHE A 350 22.26 -15.04 44.24
C PHE A 350 22.83 -14.02 43.27
N ASP A 351 23.39 -12.94 43.80
CA ASP A 351 23.79 -11.78 43.01
C ASP A 351 25.30 -11.59 42.97
N ILE A 352 25.97 -12.21 42.00
CA ILE A 352 27.44 -12.14 41.90
C ILE A 352 27.98 -10.70 41.84
N LYS A 353 27.39 -9.85 41.00
CA LYS A 353 27.86 -8.46 40.85
C LYS A 353 27.93 -7.68 42.17
N ARG A 354 26.96 -7.92 43.07
CA ARG A 354 26.91 -7.22 44.37
C ARG A 354 27.72 -7.86 45.51
N MET A 355 27.69 -9.19 45.62
CA MET A 355 28.56 -9.91 46.59
C MET A 355 30.05 -9.65 46.33
N VAL A 356 30.43 -9.57 45.04
CA VAL A 356 31.80 -9.22 44.67
C VAL A 356 32.11 -7.82 45.19
N GLU A 357 31.13 -6.94 45.12
CA GLU A 357 31.29 -5.59 45.65
C GLU A 357 31.35 -5.59 47.19
N ASP A 358 30.57 -6.46 47.83
CA ASP A 358 30.46 -6.52 49.30
C ASP A 358 31.58 -7.30 50.03
N SER A 359 32.54 -7.81 49.25
CA SER A 359 33.71 -8.56 49.75
C SER A 359 33.37 -9.96 50.32
N ASP A 360 32.26 -10.52 49.86
CA ASP A 360 31.97 -11.92 50.14
C ASP A 360 32.56 -12.73 48.98
N LEU A 361 32.94 -12.02 47.92
CA LEU A 361 33.52 -12.63 46.74
C LEU A 361 34.56 -11.69 46.13
N GLN A 362 35.49 -12.24 45.36
CA GLN A 362 36.50 -11.41 44.72
C GLN A 362 36.80 -11.77 43.27
N THR A 363 37.09 -10.76 42.47
CA THR A 363 37.52 -10.99 41.11
C THR A 363 38.87 -11.74 41.10
N CYS A 364 38.94 -12.77 40.27
CA CYS A 364 40.16 -13.53 40.03
C CYS A 364 40.35 -13.57 38.52
N TYR A 365 41.49 -13.05 38.06
CA TYR A 365 41.84 -13.11 36.64
C TYR A 365 42.48 -14.45 36.30
N CYS A 366 41.85 -15.21 35.41
CA CYS A 366 42.44 -16.51 35.06
C CYS A 366 43.01 -16.46 33.66
N VAL A 367 44.33 -16.47 33.58
CA VAL A 367 45.06 -16.12 32.37
C VAL A 367 45.47 -17.34 31.56
N PHE A 368 45.24 -17.29 30.25
CA PHE A 368 45.64 -18.39 29.39
C PHE A 368 46.46 -18.01 28.17
N ASP A 369 46.83 -16.73 28.05
CA ASP A 369 47.66 -16.28 26.92
C ASP A 369 48.27 -14.89 27.10
N VAL A 370 49.41 -14.67 26.48
CA VAL A 370 50.10 -13.38 26.54
C VAL A 370 50.45 -12.96 25.12
N LEU A 371 50.22 -11.70 24.78
CA LEU A 371 50.33 -11.28 23.39
C LEU A 371 51.55 -10.41 23.19
N MET A 372 52.04 -9.84 24.28
CA MET A 372 53.19 -8.97 24.24
C MET A 372 53.87 -8.95 25.60
N VAL A 373 55.19 -8.84 25.63
CA VAL A 373 55.92 -8.59 26.88
C VAL A 373 57.04 -7.58 26.61
N ASN A 374 57.06 -6.50 27.35
CA ASN A 374 58.00 -5.41 27.12
C ASN A 374 58.00 -4.97 25.64
N ASN A 375 59.13 -5.04 24.95
CA ASN A 375 59.14 -4.55 23.57
C ASN A 375 58.53 -5.54 22.56
N LYS A 376 58.58 -6.83 22.86
CA LYS A 376 58.24 -7.89 21.89
C LYS A 376 56.74 -8.29 21.77
N LYS A 377 56.30 -8.50 20.54
CA LYS A 377 54.93 -8.85 20.21
C LYS A 377 54.83 -10.35 19.89
N LEU A 378 53.87 -11.02 20.52
CA LEU A 378 53.88 -12.48 20.58
C LEU A 378 52.85 -13.23 19.75
N GLY A 379 52.02 -12.50 19.02
CA GLY A 379 50.92 -13.10 18.27
C GLY A 379 51.30 -14.23 17.34
N HIS A 380 52.44 -14.06 16.67
CA HIS A 380 52.95 -14.99 15.66
C HIS A 380 53.93 -16.01 16.25
N GLU A 381 54.12 -15.96 17.56
CA GLU A 381 54.84 -17.00 18.28
C GLU A 381 53.93 -18.23 18.32
N THR A 382 54.51 -19.43 18.42
CA THR A 382 53.69 -20.61 18.57
C THR A 382 53.08 -20.63 19.96
N LEU A 383 51.95 -21.33 20.09
CA LEU A 383 51.26 -21.43 21.37
C LEU A 383 52.23 -21.89 22.45
N ARG A 384 53.09 -22.84 22.08
CA ARG A 384 54.09 -23.39 23.00
C ARG A 384 54.95 -22.28 23.62
N LYS A 385 55.49 -21.39 22.79
CA LYS A 385 56.34 -20.33 23.31
C LYS A 385 55.56 -19.35 24.18
N ARG A 386 54.35 -18.97 23.78
CA ARG A 386 53.57 -18.04 24.59
C ARG A 386 53.30 -18.60 25.99
N TYR A 387 52.97 -19.89 26.05
CA TYR A 387 52.79 -20.55 27.34
C TYR A 387 54.06 -20.54 28.16
N GLU A 388 55.18 -20.86 27.53
CA GLU A 388 56.49 -20.83 28.18
C GLU A 388 56.74 -19.42 28.74
N ILE A 389 56.57 -18.40 27.90
CA ILE A 389 56.70 -17.02 28.34
C ILE A 389 55.74 -16.69 29.49
N LEU A 390 54.48 -17.10 29.35
CA LEU A 390 53.44 -16.77 30.32
C LEU A 390 53.92 -17.08 31.73
N SER A 391 54.60 -18.22 31.88
CA SER A 391 55.12 -18.63 33.17
C SER A 391 56.14 -17.65 33.79
N SER A 392 56.69 -16.75 32.97
CA SER A 392 57.69 -15.79 33.47
C SER A 392 57.20 -14.33 33.63
N ILE A 393 55.92 -14.08 33.37
CA ILE A 393 55.35 -12.74 33.53
C ILE A 393 55.03 -12.39 34.99
N PHE A 394 54.32 -13.28 35.67
CA PHE A 394 53.96 -13.04 37.06
C PHE A 394 54.04 -14.32 37.88
N THR A 395 54.15 -14.17 39.20
CA THR A 395 54.00 -15.28 40.14
C THR A 395 52.54 -15.33 40.57
N PRO A 396 51.86 -16.44 40.31
CA PRO A 396 50.41 -16.53 40.55
C PRO A 396 50.01 -16.32 42.00
N ILE A 397 48.86 -15.67 42.20
CA ILE A 397 48.24 -15.55 43.51
C ILE A 397 46.88 -16.22 43.46
N PRO A 398 46.73 -17.35 44.18
CA PRO A 398 45.48 -18.11 44.17
C PRO A 398 44.33 -17.18 44.52
N GLY A 399 43.28 -17.17 43.70
CA GLY A 399 42.15 -16.31 43.94
C GLY A 399 42.17 -14.90 43.37
N ARG A 400 43.30 -14.42 42.84
CA ARG A 400 43.34 -13.10 42.20
C ARG A 400 43.81 -13.15 40.74
N ILE A 401 44.93 -13.83 40.52
CA ILE A 401 45.50 -13.99 39.18
C ILE A 401 46.25 -15.33 39.03
N GLU A 402 45.71 -16.18 38.18
CA GLU A 402 46.23 -17.52 38.01
C GLU A 402 46.49 -17.84 36.57
N ILE A 403 47.43 -18.75 36.33
CA ILE A 403 47.55 -19.39 35.04
C ILE A 403 46.54 -20.55 35.02
N VAL A 404 45.76 -20.62 33.96
CA VAL A 404 44.79 -21.69 33.78
C VAL A 404 45.45 -23.07 33.76
N GLN A 405 44.86 -23.99 34.51
CA GLN A 405 45.33 -25.37 34.55
C GLN A 405 45.32 -26.02 33.16
N LYS A 406 46.44 -26.64 32.80
CA LYS A 406 46.52 -27.39 31.56
C LYS A 406 47.56 -28.51 31.66
N THR A 407 47.47 -29.47 30.75
CA THR A 407 48.47 -30.52 30.60
C THR A 407 48.67 -30.91 29.14
N GLN A 408 49.67 -31.75 28.91
CA GLN A 408 50.00 -32.21 27.57
C GLN A 408 49.37 -33.60 27.41
N ALA A 409 48.87 -33.88 26.20
CA ALA A 409 48.15 -35.12 25.95
C ALA A 409 48.25 -35.53 24.49
N HIS A 410 47.93 -36.80 24.22
CA HIS A 410 47.85 -37.29 22.85
C HIS A 410 46.75 -38.34 22.60
N THR A 411 45.98 -38.70 23.63
CA THR A 411 44.99 -39.79 23.51
C THR A 411 43.54 -39.29 23.46
N LYS A 412 42.69 -39.98 22.71
CA LYS A 412 41.27 -39.66 22.74
C LYS A 412 40.78 -39.98 24.14
N ASN A 413 41.27 -41.10 24.69
CA ASN A 413 40.94 -41.48 26.05
C ASN A 413 41.28 -40.38 27.04
N GLU A 414 42.42 -39.74 26.83
CA GLU A 414 42.86 -38.63 27.67
C GLU A 414 41.88 -37.47 27.61
N VAL A 415 41.46 -37.14 26.39
CA VAL A 415 40.52 -36.05 26.19
C VAL A 415 39.22 -36.40 26.89
N ILE A 416 38.87 -37.68 26.90
CA ILE A 416 37.71 -38.15 27.64
C ILE A 416 37.91 -38.01 29.15
N ASP A 417 39.03 -38.52 29.66
CA ASP A 417 39.33 -38.41 31.07
C ASP A 417 39.31 -36.94 31.55
N ALA A 418 39.81 -36.03 30.72
CA ALA A 418 39.85 -34.62 31.09
C ALA A 418 38.44 -34.06 31.19
N LEU A 419 37.59 -34.44 30.22
CA LEU A 419 36.23 -33.95 30.19
C LEU A 419 35.39 -34.46 31.38
N ASN A 420 35.51 -35.74 31.72
CA ASN A 420 34.87 -36.27 32.93
C ASN A 420 35.30 -35.43 34.12
N GLU A 421 36.61 -35.23 34.27
CA GLU A 421 37.17 -34.52 35.41
C GLU A 421 36.65 -33.10 35.52
N ALA A 422 36.53 -32.43 34.37
CA ALA A 422 36.01 -31.07 34.30
C ALA A 422 34.58 -30.97 34.82
N ILE A 423 33.74 -31.89 34.37
CA ILE A 423 32.31 -31.93 34.70
C ILE A 423 32.06 -32.27 36.16
N ASP A 424 32.87 -33.17 36.68
CA ASP A 424 32.82 -33.58 38.07
C ASP A 424 33.12 -32.39 38.97
N LYS A 425 34.08 -31.56 38.52
CA LYS A 425 34.48 -30.31 39.17
C LYS A 425 33.57 -29.12 38.79
N ARG A 426 32.56 -29.40 37.98
CA ARG A 426 31.53 -28.44 37.57
C ARG A 426 31.99 -27.35 36.61
N GLU A 427 33.09 -27.59 35.90
CA GLU A 427 33.44 -26.74 34.77
C GLU A 427 32.55 -27.10 33.55
N GLU A 428 32.45 -26.21 32.57
CA GLU A 428 31.48 -26.42 31.48
C GLU A 428 32.00 -27.41 30.43
N GLY A 429 33.32 -27.54 30.36
CA GLY A 429 33.95 -28.41 29.39
C GLY A 429 35.46 -28.30 29.49
N ILE A 430 36.11 -28.59 28.38
CA ILE A 430 37.55 -28.44 28.29
C ILE A 430 37.88 -27.79 26.97
N MET A 431 39.07 -27.21 26.91
CA MET A 431 39.60 -26.69 25.69
C MET A 431 40.67 -27.65 25.16
N VAL A 432 40.74 -27.80 23.85
CA VAL A 432 41.86 -28.50 23.25
C VAL A 432 42.59 -27.57 22.29
N LYS A 433 43.90 -27.44 22.46
CA LYS A 433 44.65 -26.47 21.68
C LYS A 433 45.89 -27.07 21.06
N GLN A 434 46.12 -26.78 19.79
CA GLN A 434 47.37 -27.22 19.15
C GLN A 434 48.52 -26.27 19.50
N PRO A 435 49.61 -26.85 19.98
CA PRO A 435 50.81 -26.17 20.47
C PRO A 435 51.54 -25.30 19.45
N LEU A 436 51.46 -25.64 18.17
CA LEU A 436 52.18 -24.84 17.18
C LEU A 436 51.36 -23.66 16.68
N SER A 437 50.14 -23.52 17.16
CA SER A 437 49.24 -22.50 16.62
C SER A 437 49.59 -21.08 17.09
N ILE A 438 49.48 -20.14 16.16
CA ILE A 438 49.64 -18.71 16.46
C ILE A 438 48.33 -18.08 16.85
N TYR A 439 48.41 -16.84 17.33
CA TYR A 439 47.21 -16.20 17.80
C TYR A 439 46.55 -15.40 16.67
N LYS A 440 45.32 -15.79 16.33
CA LYS A 440 44.57 -15.15 15.26
C LYS A 440 43.31 -14.48 15.84
N PRO A 441 43.36 -13.16 16.01
CA PRO A 441 42.26 -12.39 16.60
C PRO A 441 40.99 -12.55 15.81
N ASP A 442 39.91 -12.86 16.51
CA ASP A 442 38.54 -12.93 15.98
C ASP A 442 38.29 -14.11 15.03
N LYS A 443 39.28 -14.93 14.78
CA LYS A 443 39.04 -16.12 14.00
C LYS A 443 38.72 -17.25 14.99
N ARG A 444 37.65 -17.99 14.70
CA ARG A 444 37.20 -19.11 15.53
C ARG A 444 37.74 -20.43 14.99
N GLY A 445 38.31 -21.24 15.87
CA GLY A 445 38.95 -22.44 15.41
C GLY A 445 40.46 -22.27 15.30
N GLU A 446 40.99 -22.47 14.10
CA GLU A 446 42.44 -22.60 13.92
C GLU A 446 42.96 -23.60 14.94
N GLY A 447 43.92 -23.16 15.76
CA GLY A 447 44.50 -24.02 16.77
C GLY A 447 43.65 -24.34 17.99
N TRP A 448 42.54 -23.63 18.18
CA TRP A 448 41.73 -23.73 19.42
C TRP A 448 40.38 -24.46 19.22
N LEU A 449 40.17 -25.52 20.00
CA LEU A 449 38.90 -26.23 19.99
C LEU A 449 38.28 -26.26 21.38
N LYS A 450 36.96 -26.22 21.45
CA LYS A 450 36.30 -26.44 22.74
C LYS A 450 35.45 -27.68 22.70
N ILE A 451 35.41 -28.43 23.79
CA ILE A 451 34.58 -29.64 23.83
C ILE A 451 33.65 -29.64 25.05
N LYS A 452 32.36 -29.70 24.79
CA LYS A 452 31.39 -29.79 25.84
C LYS A 452 30.69 -31.10 25.67
N PRO A 453 29.92 -31.48 26.66
CA PRO A 453 29.20 -32.74 26.61
C PRO A 453 28.20 -32.84 25.47
N GLU A 454 28.34 -33.94 24.78
CA GLU A 454 27.63 -34.21 23.54
C GLU A 454 28.42 -35.27 22.76
N GLU A 462 15.79 -34.76 31.76
CA GLU A 462 16.31 -34.19 32.99
C GLU A 462 15.77 -34.92 34.20
N LEU A 463 16.64 -35.64 34.90
CA LEU A 463 16.25 -36.45 36.03
C LEU A 463 16.10 -35.67 37.31
N ASP A 464 15.02 -35.95 38.02
CA ASP A 464 14.79 -35.44 39.38
C ASP A 464 15.00 -36.60 40.35
N ILE A 465 16.21 -36.73 40.89
CA ILE A 465 16.54 -37.81 41.84
C ILE A 465 17.01 -37.34 43.23
N LEU A 466 17.24 -38.30 44.12
CA LEU A 466 17.44 -38.00 45.54
C LEU A 466 18.89 -38.15 45.98
N ILE A 467 19.32 -37.25 46.87
CA ILE A 467 20.61 -37.42 47.53
C ILE A 467 20.49 -38.46 48.65
N VAL A 468 21.38 -39.44 48.63
CA VAL A 468 21.36 -40.50 49.63
C VAL A 468 22.70 -40.70 50.31
N GLY A 469 23.70 -39.96 49.87
CA GLY A 469 25.00 -40.07 50.48
C GLY A 469 25.96 -38.98 50.07
N GLY A 470 27.14 -38.96 50.72
CA GLY A 470 28.11 -37.92 50.45
C GLY A 470 29.55 -38.35 50.64
N TYR A 471 30.44 -37.52 50.11
CA TYR A 471 31.87 -37.76 50.23
C TYR A 471 32.61 -36.46 50.55
N TRP A 472 33.62 -36.57 51.39
CA TRP A 472 34.60 -35.51 51.55
C TRP A 472 35.89 -35.98 50.92
N GLY A 473 36.79 -35.05 50.67
CA GLY A 473 38.08 -35.38 50.10
C GLY A 473 38.10 -35.08 48.62
N LYS A 474 39.12 -34.36 48.20
CA LYS A 474 39.18 -33.83 46.85
C LYS A 474 38.62 -32.42 46.84
N GLY A 475 38.00 -32.01 47.93
CA GLY A 475 37.49 -30.67 48.05
C GLY A 475 37.32 -30.27 49.50
N SER A 476 37.31 -28.97 49.77
CA SER A 476 37.06 -28.48 51.12
C SER A 476 36.89 -26.97 51.16
N GLY A 479 34.69 -30.77 56.27
CA GLY A 479 34.40 -29.44 55.76
C GLY A 479 33.24 -29.49 54.78
N MET A 480 33.43 -28.97 53.57
CA MET A 480 32.39 -29.15 52.58
C MET A 480 32.53 -30.51 51.89
N MET A 481 31.51 -30.96 51.16
CA MET A 481 31.57 -32.24 50.47
C MET A 481 32.00 -32.09 49.02
N SER A 482 32.68 -33.10 48.50
CA SER A 482 33.13 -33.07 47.12
C SER A 482 32.06 -33.62 46.20
N HIS A 483 31.36 -34.66 46.68
CA HIS A 483 30.36 -35.35 45.88
C HIS A 483 29.13 -35.80 46.66
N PHE A 484 28.04 -35.98 45.92
CA PHE A 484 26.85 -36.61 46.43
C PHE A 484 26.63 -37.96 45.75
N LEU A 485 26.10 -38.91 46.51
CA LEU A 485 25.63 -40.17 45.95
C LEU A 485 24.13 -40.06 45.78
N CYS A 486 23.66 -40.28 44.55
CA CYS A 486 22.24 -40.09 44.26
C CYS A 486 21.58 -41.39 43.83
N ALA A 487 20.28 -41.48 44.07
CA ALA A 487 19.55 -42.75 43.95
C ALA A 487 18.15 -42.56 43.37
N VAL A 488 17.56 -43.67 42.92
CA VAL A 488 16.18 -43.64 42.43
C VAL A 488 15.31 -44.48 43.35
N ALA A 489 14.01 -44.20 43.32
CA ALA A 489 13.06 -44.87 44.21
C ALA A 489 12.53 -46.14 43.58
N GLU A 490 12.43 -47.17 44.40
CA GLU A 490 11.75 -48.39 44.03
C GLU A 490 10.29 -48.05 44.30
N LYS A 491 9.42 -48.18 43.29
CA LYS A 491 8.02 -47.77 43.41
C LYS A 491 7.30 -48.47 44.55
N PRO A 492 6.73 -47.67 45.47
CA PRO A 492 6.10 -48.22 46.67
C PRO A 492 4.72 -48.76 46.37
N PRO A 493 4.14 -49.51 47.31
CA PRO A 493 2.72 -49.87 47.14
C PRO A 493 1.84 -48.60 47.07
N PRO A 494 0.72 -48.68 46.35
CA PRO A 494 -0.19 -47.54 46.23
C PRO A 494 -0.66 -47.03 47.59
N GLY A 495 -0.55 -45.73 47.82
CA GLY A 495 -0.94 -45.16 49.10
C GLY A 495 0.23 -45.04 50.04
N GLU A 496 1.35 -45.66 49.65
CA GLU A 496 2.56 -45.72 50.45
C GLU A 496 3.59 -44.75 49.89
N LYS A 497 4.45 -44.19 50.73
CA LYS A 497 5.65 -43.49 50.25
C LYS A 497 6.77 -44.54 50.04
N PRO A 498 7.74 -44.26 49.15
CA PRO A 498 8.89 -45.16 48.91
C PRO A 498 9.67 -45.49 50.18
N SER A 499 10.27 -46.67 50.25
CA SER A 499 11.09 -47.02 51.42
C SER A 499 12.49 -47.54 51.03
N VAL A 500 12.66 -47.92 49.77
CA VAL A 500 13.95 -48.42 49.29
C VAL A 500 14.46 -47.60 48.10
N PHE A 501 15.76 -47.37 48.08
CA PHE A 501 16.37 -46.61 47.01
C PHE A 501 17.53 -47.37 46.43
N HIS A 502 17.68 -47.25 45.12
CA HIS A 502 18.80 -47.87 44.42
C HIS A 502 19.75 -46.78 43.93
N THR A 503 21.01 -46.88 44.32
CA THR A 503 21.99 -45.89 43.87
C THR A 503 22.11 -45.87 42.35
N LEU A 504 22.26 -44.67 41.80
CA LEU A 504 22.33 -44.52 40.36
C LEU A 504 23.62 -43.81 39.91
N SER A 505 24.06 -42.77 40.62
CA SER A 505 25.25 -42.04 40.20
C SER A 505 25.92 -41.21 41.31
N ARG A 506 27.24 -41.13 41.24
CA ARG A 506 27.96 -40.05 41.90
C ARG A 506 27.73 -38.79 41.09
N VAL A 507 27.95 -37.65 41.75
CA VAL A 507 27.88 -36.37 41.08
C VAL A 507 28.62 -35.31 41.91
N GLY A 508 29.26 -34.38 41.23
CA GLY A 508 29.97 -33.30 41.89
C GLY A 508 29.11 -32.34 42.68
N SER A 509 29.61 -31.91 43.83
CA SER A 509 28.89 -31.00 44.72
C SER A 509 29.77 -29.83 45.15
N GLY A 510 30.70 -29.46 44.29
CA GLY A 510 31.52 -28.31 44.56
C GLY A 510 30.64 -27.09 44.53
N CYS A 511 30.81 -26.21 45.51
CA CYS A 511 29.92 -25.08 45.66
C CYS A 511 30.18 -24.01 44.64
N THR A 512 29.91 -24.34 43.39
CA THR A 512 30.01 -23.38 42.30
C THR A 512 28.82 -22.42 42.32
N MET A 513 27.75 -22.84 42.99
CA MET A 513 26.62 -21.97 43.28
C MET A 513 26.30 -21.97 44.78
N LYS A 514 25.76 -20.85 45.26
CA LYS A 514 25.47 -20.68 46.70
C LYS A 514 24.43 -21.68 47.21
N GLU A 515 23.55 -22.10 46.32
CA GLU A 515 22.52 -23.03 46.72
C GLU A 515 23.11 -24.39 47.09
N LEU A 516 24.22 -24.76 46.47
CA LEU A 516 24.87 -25.98 46.91
C LEU A 516 25.48 -25.75 48.29
N TYR A 517 26.07 -24.57 48.50
CA TYR A 517 26.66 -24.23 49.77
C TYR A 517 25.58 -24.32 50.85
N ASP A 518 24.45 -23.67 50.57
CA ASP A 518 23.33 -23.66 51.49
C ASP A 518 22.82 -25.08 51.78
N LEU A 519 22.72 -25.89 50.74
CA LEU A 519 22.27 -27.26 50.91
C LEU A 519 23.16 -28.03 51.90
N GLY A 520 24.47 -27.96 51.69
CA GLY A 520 25.39 -28.67 52.54
C GLY A 520 25.23 -28.35 54.01
N LEU A 521 25.01 -27.07 54.29
CA LEU A 521 24.76 -26.63 55.66
C LEU A 521 23.40 -27.09 56.23
N LYS A 522 22.38 -27.17 55.38
CA LYS A 522 21.09 -27.67 55.82
C LYS A 522 21.22 -29.15 56.11
N LEU A 523 22.00 -29.83 55.28
CA LEU A 523 22.08 -31.29 55.35
C LEU A 523 23.02 -31.80 56.45
N ALA A 524 23.91 -30.95 56.95
CA ALA A 524 24.98 -31.39 57.85
C ALA A 524 24.50 -32.17 59.05
N LYS A 525 23.40 -31.75 59.67
CA LYS A 525 22.89 -32.46 60.84
C LYS A 525 22.42 -33.90 60.55
N TYR A 526 22.29 -34.27 59.27
CA TYR A 526 21.71 -35.57 58.94
C TYR A 526 22.64 -36.69 58.52
N TRP A 527 23.85 -36.38 58.09
CA TRP A 527 24.81 -37.40 57.65
C TRP A 527 25.09 -38.43 58.73
N LYS A 528 25.17 -39.70 58.33
CA LYS A 528 25.50 -40.79 59.25
C LYS A 528 26.58 -41.65 58.63
N PRO A 529 27.49 -42.19 59.46
CA PRO A 529 28.57 -43.01 58.84
C PRO A 529 27.97 -44.17 58.08
N PHE A 530 28.48 -44.44 56.89
CA PHE A 530 28.00 -45.61 56.16
C PHE A 530 28.91 -46.79 56.48
N HIS A 531 28.32 -47.90 56.88
CA HIS A 531 29.09 -49.09 57.14
C HIS A 531 28.83 -50.17 56.07
N ARG A 532 29.85 -50.52 55.29
CA ARG A 532 29.71 -51.57 54.27
C ARG A 532 29.18 -52.83 54.92
N LYS A 533 29.72 -53.15 56.10
CA LYS A 533 29.37 -54.39 56.82
C LYS A 533 27.97 -54.43 57.43
N ALA A 534 27.27 -53.30 57.41
CA ALA A 534 25.92 -53.22 57.96
C ALA A 534 25.21 -51.99 57.40
N PRO A 535 24.84 -52.05 56.11
CA PRO A 535 24.27 -50.88 55.44
C PRO A 535 22.82 -50.61 55.86
N PRO A 536 22.29 -49.42 55.52
CA PRO A 536 20.88 -49.11 55.78
C PRO A 536 19.94 -49.79 54.79
N SER A 537 18.77 -50.20 55.27
CA SER A 537 17.80 -50.91 54.45
C SER A 537 17.18 -49.99 53.40
N SER A 538 17.22 -48.70 53.68
CA SER A 538 16.59 -47.72 52.79
C SER A 538 17.40 -47.41 51.54
N ILE A 539 18.69 -47.70 51.56
CA ILE A 539 19.53 -47.38 50.41
C ILE A 539 20.43 -48.53 49.94
N LEU A 540 20.11 -49.08 48.77
CA LEU A 540 20.90 -50.19 48.23
C LEU A 540 21.98 -49.71 47.28
N CYS A 541 23.21 -50.10 47.54
CA CYS A 541 24.35 -49.64 46.75
C CYS A 541 24.88 -50.72 45.80
N GLY A 542 25.55 -50.28 44.74
CA GLY A 542 26.29 -51.18 43.89
C GLY A 542 27.68 -51.31 44.48
N THR A 543 28.70 -51.50 43.64
CA THR A 543 30.05 -51.54 44.17
C THR A 543 30.39 -50.27 44.94
N GLU A 544 29.85 -49.15 44.47
CA GLU A 544 30.18 -47.84 45.01
C GLU A 544 29.45 -47.59 46.34
N LYS A 545 30.24 -47.11 47.32
CA LYS A 545 29.75 -46.86 48.67
C LYS A 545 30.04 -45.45 49.14
N PRO A 546 29.02 -44.78 49.71
CA PRO A 546 29.22 -43.44 50.25
C PRO A 546 29.95 -43.50 51.58
N GLU A 547 30.70 -42.46 51.94
CA GLU A 547 31.28 -42.40 53.27
C GLU A 547 30.17 -42.25 54.28
N VAL A 548 29.22 -41.38 53.95
CA VAL A 548 28.07 -41.17 54.78
C VAL A 548 26.79 -41.23 53.98
N TYR A 549 25.70 -41.62 54.63
CA TYR A 549 24.40 -41.59 54.00
C TYR A 549 23.43 -40.70 54.77
N ILE A 550 22.22 -40.55 54.24
CA ILE A 550 21.21 -39.72 54.87
C ILE A 550 19.84 -40.40 54.68
N GLU A 551 19.04 -40.48 55.75
CA GLU A 551 17.73 -41.12 55.66
C GLU A 551 16.97 -40.34 54.62
N PRO A 552 16.36 -41.04 53.66
CA PRO A 552 15.70 -40.39 52.52
C PRO A 552 14.73 -39.27 52.90
N CYS A 553 14.01 -39.40 54.01
CA CYS A 553 13.06 -38.36 54.41
C CYS A 553 13.74 -37.04 54.79
N ASN A 554 14.98 -37.12 55.27
CA ASN A 554 15.72 -35.92 55.67
C ASN A 554 16.38 -35.18 54.52
N SER A 555 16.43 -35.83 53.37
CA SER A 555 17.17 -35.33 52.22
C SER A 555 16.35 -34.50 51.23
N VAL A 556 16.98 -34.27 50.08
CA VAL A 556 16.52 -33.33 49.07
C VAL A 556 16.63 -33.91 47.65
N ILE A 557 15.65 -33.60 46.80
CA ILE A 557 15.73 -33.92 45.38
C ILE A 557 16.61 -32.91 44.66
N VAL A 558 17.60 -33.42 43.94
CA VAL A 558 18.37 -32.59 43.02
C VAL A 558 17.94 -32.86 41.58
N GLN A 559 17.88 -31.80 40.77
CA GLN A 559 17.59 -32.00 39.35
C GLN A 559 18.89 -32.07 38.63
N ILE A 560 19.09 -33.16 37.90
CA ILE A 560 20.37 -33.50 37.33
C ILE A 560 20.33 -33.58 35.80
N LYS A 561 21.28 -32.90 35.17
CA LYS A 561 21.47 -32.89 33.72
C LYS A 561 22.54 -33.93 33.36
N ALA A 562 22.29 -34.73 32.33
CA ALA A 562 23.18 -35.84 32.00
C ALA A 562 23.13 -36.11 30.51
N ALA A 563 24.23 -36.60 29.97
CA ALA A 563 24.35 -36.73 28.52
C ALA A 563 23.67 -37.99 27.99
N GLU A 564 23.76 -39.06 28.76
CA GLU A 564 23.15 -40.32 28.38
C GLU A 564 23.19 -41.27 29.57
N ILE A 565 22.52 -42.41 29.42
CA ILE A 565 22.55 -43.40 30.46
C ILE A 565 23.40 -44.52 29.94
N VAL A 566 24.42 -44.86 30.72
CA VAL A 566 25.39 -45.88 30.34
C VAL A 566 25.46 -47.00 31.38
N PRO A 567 25.83 -48.22 30.96
CA PRO A 567 26.00 -49.40 31.83
C PRO A 567 26.93 -49.14 33.02
N SER A 568 26.81 -49.91 34.12
CA SER A 568 27.75 -49.79 35.23
C SER A 568 27.62 -50.88 36.29
N ASP A 569 28.75 -51.23 36.89
CA ASP A 569 28.71 -52.17 38.00
C ASP A 569 28.87 -51.44 39.32
N MET A 570 29.16 -50.14 39.25
CA MET A 570 29.43 -49.37 40.46
C MET A 570 28.17 -49.00 41.21
N TYR A 571 27.04 -49.02 40.49
CA TYR A 571 25.76 -48.56 41.05
C TYR A 571 24.68 -49.63 40.91
N LYS A 572 23.84 -49.72 41.94
CA LYS A 572 22.79 -50.71 42.07
C LYS A 572 21.87 -50.83 40.84
N THR A 573 21.70 -49.74 40.09
CA THR A 573 20.78 -49.74 38.95
C THR A 573 21.28 -50.50 37.72
N GLY A 574 22.55 -50.89 37.73
CA GLY A 574 23.15 -51.57 36.60
C GLY A 574 23.49 -50.59 35.50
N CYS A 575 23.31 -49.31 35.78
CA CYS A 575 23.59 -48.25 34.84
C CYS A 575 23.94 -46.98 35.61
N THR A 576 24.33 -45.93 34.90
CA THR A 576 24.67 -44.67 35.55
C THR A 576 24.66 -43.49 34.58
N LEU A 577 24.90 -42.28 35.09
CA LEU A 577 24.85 -41.09 34.25
C LEU A 577 26.23 -40.61 33.76
N ARG A 578 26.32 -40.42 32.45
CA ARG A 578 27.49 -39.85 31.81
C ARG A 578 27.43 -38.33 31.88
N PHE A 579 28.53 -37.75 32.33
CA PHE A 579 28.62 -36.31 32.50
C PHE A 579 27.47 -35.71 33.32
N PRO A 580 27.17 -36.29 34.50
CA PRO A 580 26.11 -35.69 35.30
C PRO A 580 26.51 -34.37 35.95
N ARG A 581 25.61 -33.40 35.87
CA ARG A 581 25.75 -32.11 36.53
C ARG A 581 24.44 -31.82 37.29
N ILE A 582 24.55 -31.25 38.49
CA ILE A 582 23.37 -30.73 39.17
C ILE A 582 22.96 -29.37 38.56
N GLU A 583 21.71 -29.26 38.13
CA GLU A 583 21.24 -28.00 37.58
C GLU A 583 20.63 -27.12 38.65
N LYS A 584 19.78 -27.69 39.49
CA LYS A 584 19.06 -26.89 40.46
C LYS A 584 18.76 -27.82 41.61
N ILE A 585 18.56 -27.24 42.79
CA ILE A 585 18.02 -28.00 43.91
C ILE A 585 16.51 -27.91 43.91
N ARG A 586 15.82 -29.04 43.86
CA ARG A 586 14.35 -29.02 43.85
C ARG A 586 13.81 -29.04 45.27
N ASP A 587 13.74 -27.86 45.86
CA ASP A 587 13.14 -27.71 47.17
C ASP A 587 11.61 -27.67 47.05
N ASP A 588 11.13 -27.46 45.83
CA ASP A 588 9.69 -27.48 45.57
C ASP A 588 9.12 -28.90 45.47
N LYS A 589 9.99 -29.89 45.31
CA LYS A 589 9.54 -31.27 45.35
C LYS A 589 9.71 -31.83 46.76
N GLU A 590 9.17 -33.02 46.99
CA GLU A 590 9.30 -33.69 48.27
C GLU A 590 10.12 -34.93 48.02
N TRP A 591 10.71 -35.46 49.08
CA TRP A 591 11.64 -36.55 48.91
C TRP A 591 10.97 -37.79 48.31
N HIS A 592 9.71 -37.98 48.64
CA HIS A 592 8.96 -39.12 48.16
C HIS A 592 8.60 -38.97 46.68
N GLU A 593 8.76 -37.76 46.16
CA GLU A 593 8.48 -37.47 44.74
C GLU A 593 9.64 -37.85 43.82
N CYS A 594 10.58 -38.65 44.35
CA CYS A 594 11.76 -39.10 43.62
C CYS A 594 11.37 -39.96 42.43
N MET A 595 12.10 -39.79 41.33
CA MET A 595 11.91 -40.60 40.15
C MET A 595 12.20 -42.03 40.50
N THR A 596 11.61 -42.95 39.74
CA THR A 596 11.64 -44.35 40.12
C THR A 596 12.43 -45.18 39.14
N LEU A 597 12.65 -46.44 39.51
CA LEU A 597 13.28 -47.41 38.62
C LEU A 597 12.52 -47.40 37.30
N ASP A 598 11.19 -47.45 37.42
CA ASP A 598 10.33 -47.41 36.25
C ASP A 598 10.52 -46.09 35.50
N ASP A 599 10.68 -44.98 36.22
CA ASP A 599 10.95 -43.70 35.55
C ASP A 599 12.26 -43.78 34.79
N LEU A 600 13.20 -44.51 35.38
CA LEU A 600 14.50 -44.73 34.79
C LEU A 600 14.37 -45.65 33.57
N GLU A 601 13.49 -46.65 33.67
CA GLU A 601 13.28 -47.56 32.54
C GLU A 601 12.89 -46.80 31.29
N GLN A 602 11.95 -45.89 31.42
CA GLN A 602 11.39 -45.19 30.27
C GLN A 602 12.41 -44.28 29.60
N LEU A 603 13.34 -43.74 30.38
CA LEU A 603 14.37 -42.86 29.82
C LEU A 603 15.33 -43.62 28.91
N ARG A 604 15.47 -44.91 29.13
CA ARG A 604 16.28 -45.76 28.26
C ARG A 604 15.56 -46.06 26.96
N GLN B 9 -42.33 -0.32 8.98
CA GLN B 9 -41.15 -1.17 9.14
C GLN B 9 -40.61 -1.58 7.78
N THR B 10 -39.32 -1.33 7.54
CA THR B 10 -38.71 -1.69 6.26
C THR B 10 -37.28 -2.22 6.42
N VAL B 11 -36.87 -3.04 5.47
CA VAL B 11 -35.52 -3.62 5.44
C VAL B 11 -34.41 -2.57 5.45
N ALA B 12 -34.54 -1.53 4.64
CA ALA B 12 -33.48 -0.52 4.54
C ALA B 12 -33.18 0.24 5.83
N SER B 13 -34.16 0.28 6.73
CA SER B 13 -33.94 0.91 8.01
C SER B 13 -33.18 -0.01 8.96
N HIS B 14 -32.96 -1.25 8.54
CA HIS B 14 -32.27 -2.26 9.36
C HIS B 14 -30.92 -2.63 8.80
N VAL B 15 -30.73 -2.42 7.49
CA VAL B 15 -29.46 -2.82 6.89
C VAL B 15 -28.43 -1.71 6.95
N PRO B 16 -27.25 -2.04 7.49
CA PRO B 16 -26.19 -1.05 7.60
C PRO B 16 -25.68 -0.67 6.22
N PHE B 17 -25.43 0.62 6.03
CA PHE B 17 -24.85 1.10 4.79
C PHE B 17 -23.51 0.40 4.55
N ALA B 18 -22.84 0.02 5.64
CA ALA B 18 -21.57 -0.72 5.57
C ALA B 18 -21.68 -2.01 4.75
N ASP B 19 -22.74 -2.77 5.03
CA ASP B 19 -23.05 -3.96 4.28
C ASP B 19 -23.19 -3.72 2.77
N LEU B 20 -23.87 -2.64 2.38
CA LEU B 20 -23.92 -2.30 0.95
C LEU B 20 -22.51 -2.04 0.41
N CYS B 21 -21.72 -1.26 1.16
CA CYS B 21 -20.41 -0.85 0.67
C CYS B 21 -19.40 -2.00 0.64
N SER B 22 -19.52 -2.91 1.59
CA SER B 22 -18.70 -4.13 1.60
C SER B 22 -18.90 -4.89 0.28
N THR B 23 -20.16 -5.17 -0.07
CA THR B 23 -20.51 -5.81 -1.33
C THR B 23 -19.95 -5.05 -2.54
N LEU B 24 -20.15 -3.74 -2.54
CA LEU B 24 -19.59 -2.89 -3.58
C LEU B 24 -18.07 -3.05 -3.70
N GLU B 25 -17.39 -3.02 -2.55
CA GLU B 25 -15.95 -3.15 -2.50
C GLU B 25 -15.56 -4.48 -3.09
N ARG B 26 -16.26 -5.53 -2.65
CA ARG B 26 -16.03 -6.90 -3.14
C ARG B 26 -16.21 -6.99 -4.64
N ILE B 27 -17.20 -6.29 -5.18
CA ILE B 27 -17.44 -6.31 -6.62
C ILE B 27 -16.32 -5.64 -7.37
N GLN B 28 -16.03 -4.40 -7.01
CA GLN B 28 -15.04 -3.61 -7.73
C GLN B 28 -13.71 -4.36 -7.79
N LYS B 29 -13.33 -4.95 -6.67
CA LYS B 29 -12.04 -5.61 -6.56
C LYS B 29 -12.00 -6.99 -7.24
N SER B 30 -13.14 -7.48 -7.72
CA SER B 30 -13.23 -8.79 -8.39
C SER B 30 -12.78 -8.73 -9.83
N LYS B 31 -12.00 -9.72 -10.25
CA LYS B 31 -11.52 -9.74 -11.62
C LYS B 31 -12.62 -10.32 -12.49
N GLY B 32 -13.07 -11.53 -12.15
CA GLY B 32 -14.10 -12.21 -12.91
C GLY B 32 -15.46 -11.53 -12.84
N ARG B 33 -16.21 -11.66 -13.94
CA ARG B 33 -17.60 -11.24 -13.97
C ARG B 33 -18.44 -12.23 -13.15
N ALA B 34 -18.00 -13.47 -13.10
CA ALA B 34 -18.76 -14.49 -12.38
C ALA B 34 -18.72 -14.13 -10.89
N GLU B 35 -17.54 -13.73 -10.41
CA GLU B 35 -17.40 -13.30 -9.03
C GLU B 35 -18.21 -12.03 -8.72
N LYS B 36 -18.23 -11.08 -9.65
CA LYS B 36 -18.97 -9.83 -9.44
C LYS B 36 -20.45 -10.07 -9.13
N ILE B 37 -21.11 -10.83 -10.00
CA ILE B 37 -22.52 -11.15 -9.84
C ILE B 37 -22.78 -11.86 -8.53
N ARG B 38 -21.86 -12.77 -8.20
CA ARG B 38 -21.98 -13.63 -7.03
C ARG B 38 -22.16 -12.76 -5.79
N HIS B 39 -21.25 -11.80 -5.61
CA HIS B 39 -21.26 -10.91 -4.45
C HIS B 39 -22.56 -10.13 -4.38
N PHE B 40 -23.05 -9.75 -5.55
CA PHE B 40 -24.29 -9.02 -5.67
C PHE B 40 -25.46 -9.96 -5.43
N ARG B 41 -25.36 -11.15 -6.00
CA ARG B 41 -26.36 -12.18 -5.82
C ARG B 41 -26.41 -12.52 -4.35
N GLU B 42 -25.25 -12.57 -3.72
CA GLU B 42 -25.19 -12.88 -2.29
C GLU B 42 -25.97 -11.83 -1.51
N PHE B 43 -25.75 -10.57 -1.88
CA PHE B 43 -26.33 -9.43 -1.18
C PHE B 43 -27.84 -9.41 -1.34
N LEU B 44 -28.28 -9.49 -2.59
CA LEU B 44 -29.70 -9.51 -2.93
C LEU B 44 -30.45 -10.67 -2.24
N ASP B 45 -29.82 -11.83 -2.23
CA ASP B 45 -30.47 -13.01 -1.68
C ASP B 45 -30.68 -12.85 -0.17
N SER B 46 -29.76 -12.11 0.48
CA SER B 46 -29.86 -11.87 1.92
C SER B 46 -30.92 -10.83 2.20
N TRP B 47 -31.08 -9.90 1.28
CA TRP B 47 -32.07 -8.86 1.47
C TRP B 47 -33.43 -9.50 1.42
N ARG B 48 -33.61 -10.40 0.44
CA ARG B 48 -34.90 -11.07 0.27
C ARG B 48 -35.22 -11.97 1.44
N LYS B 49 -34.24 -12.73 1.95
CA LYS B 49 -34.47 -13.56 3.13
C LYS B 49 -34.93 -12.71 4.31
N PHE B 50 -34.23 -11.60 4.53
CA PHE B 50 -34.51 -10.70 5.64
C PHE B 50 -35.91 -10.14 5.50
N HIS B 51 -36.21 -9.67 4.31
CA HIS B 51 -37.51 -9.11 3.98
C HIS B 51 -38.69 -10.00 4.38
N ASP B 52 -38.60 -11.29 4.06
CA ASP B 52 -39.69 -12.22 4.32
C ASP B 52 -39.86 -12.41 5.82
N ALA B 53 -38.76 -12.34 6.53
CA ALA B 53 -38.77 -12.49 7.97
C ALA B 53 -39.46 -11.30 8.60
N LEU B 54 -39.23 -10.13 8.01
CA LEU B 54 -39.72 -8.89 8.58
C LEU B 54 -41.21 -8.74 8.34
N HIS B 55 -41.63 -9.08 7.14
CA HIS B 55 -43.00 -8.91 6.72
C HIS B 55 -43.78 -10.21 6.86
N LYS B 56 -43.33 -11.08 7.77
CA LYS B 56 -44.09 -12.27 8.12
C LYS B 56 -45.49 -11.82 8.54
N ASN B 57 -45.55 -10.93 9.53
CA ASN B 57 -46.82 -10.43 10.09
C ASN B 57 -47.55 -9.44 9.18
N HIS B 58 -46.80 -8.49 8.62
CA HIS B 58 -47.37 -7.43 7.79
C HIS B 58 -48.09 -8.02 6.57
N LYS B 59 -49.08 -7.28 6.05
CA LYS B 59 -49.81 -7.73 4.86
C LYS B 59 -49.46 -6.91 3.59
N ASP B 60 -48.79 -7.57 2.65
CA ASP B 60 -48.39 -6.98 1.37
C ASP B 60 -47.79 -5.57 1.48
N VAL B 61 -46.62 -5.50 2.13
CA VAL B 61 -45.88 -4.26 2.28
C VAL B 61 -45.43 -3.68 0.94
N THR B 62 -45.26 -2.38 0.92
CA THR B 62 -44.78 -1.71 -0.28
C THR B 62 -43.25 -1.55 -0.24
N ASP B 63 -42.66 -2.04 0.85
CA ASP B 63 -41.20 -2.03 1.04
C ASP B 63 -40.56 -2.92 0.00
N SER B 64 -39.39 -2.54 -0.49
CA SER B 64 -38.75 -3.24 -1.58
C SER B 64 -37.27 -2.99 -1.62
N PHE B 65 -36.61 -3.52 -2.63
CA PHE B 65 -35.19 -3.42 -2.75
C PHE B 65 -34.74 -2.02 -3.15
N TYR B 66 -35.71 -1.19 -3.53
CA TYR B 66 -35.42 0.15 -4.07
C TYR B 66 -34.34 0.99 -3.34
N PRO B 67 -34.40 1.04 -1.99
CA PRO B 67 -33.37 1.82 -1.29
C PRO B 67 -31.95 1.42 -1.64
N ALA B 68 -31.66 0.14 -1.82
CA ALA B 68 -30.32 -0.29 -2.21
C ALA B 68 -30.15 -0.11 -3.71
N MET B 69 -31.16 -0.53 -4.46
CA MET B 69 -31.08 -0.45 -5.91
C MET B 69 -30.66 0.91 -6.43
N ARG B 70 -31.18 1.99 -5.84
CA ARG B 70 -30.87 3.37 -6.29
C ARG B 70 -29.45 3.85 -6.02
N LEU B 71 -28.77 3.20 -5.08
CA LEU B 71 -27.40 3.51 -4.75
C LEU B 71 -26.45 2.68 -5.57
N ILE B 72 -26.91 1.49 -6.00
CA ILE B 72 -26.19 0.62 -6.92
C ILE B 72 -26.28 1.10 -8.39
N LEU B 73 -27.41 1.67 -8.78
CA LEU B 73 -27.51 2.28 -10.11
C LEU B 73 -27.89 3.76 -9.99
N PRO B 74 -27.00 4.56 -9.38
CA PRO B 74 -27.36 5.94 -9.10
C PRO B 74 -27.59 6.76 -10.36
N GLN B 75 -27.11 6.28 -11.50
CA GLN B 75 -27.31 7.04 -12.74
C GLN B 75 -28.74 6.87 -13.22
N LEU B 76 -29.43 5.89 -12.65
CA LEU B 76 -30.83 5.65 -12.94
C LEU B 76 -31.79 6.28 -11.90
N GLU B 77 -31.24 6.97 -10.90
CA GLU B 77 -32.02 7.76 -9.95
C GLU B 77 -32.89 8.80 -10.66
N ARG B 78 -34.18 8.85 -10.33
CA ARG B 78 -35.10 9.82 -10.96
C ARG B 78 -35.97 10.58 -9.98
N GLU B 79 -36.06 10.06 -8.76
CA GLU B 79 -36.90 10.65 -7.73
C GLU B 79 -36.15 11.85 -7.21
N ARG B 80 -34.88 11.62 -6.91
CA ARG B 80 -34.02 12.63 -6.31
C ARG B 80 -33.45 13.54 -7.38
N MET B 81 -33.57 14.85 -7.15
CA MET B 81 -33.01 15.81 -8.08
C MET B 81 -31.49 15.84 -8.01
N ALA B 82 -30.88 16.77 -8.74
CA ALA B 82 -29.44 16.97 -8.75
C ALA B 82 -28.89 17.31 -7.37
N TYR B 83 -27.70 16.80 -7.06
CA TYR B 83 -27.07 17.04 -5.76
C TYR B 83 -26.37 18.41 -5.70
N GLY B 84 -25.90 18.91 -6.84
CA GLY B 84 -25.22 20.18 -6.89
C GLY B 84 -23.96 20.27 -6.03
N ILE B 85 -23.30 19.13 -5.84
CA ILE B 85 -22.06 19.08 -5.06
C ILE B 85 -20.85 18.98 -5.98
N LYS B 86 -19.99 19.99 -5.92
CA LYS B 86 -18.78 20.00 -6.74
C LYS B 86 -17.62 19.39 -5.96
N GLU B 87 -16.81 18.60 -6.64
CA GLU B 87 -15.68 17.93 -6.00
C GLU B 87 -14.75 18.88 -5.27
N THR B 88 -14.69 20.14 -5.71
CA THR B 88 -13.88 21.14 -5.02
C THR B 88 -14.44 21.41 -3.61
N MET B 89 -15.76 21.45 -3.49
CA MET B 89 -16.39 21.66 -2.19
C MET B 89 -16.04 20.54 -1.25
N LEU B 90 -16.20 19.33 -1.76
CA LEU B 90 -15.88 18.12 -1.02
C LEU B 90 -14.47 18.21 -0.45
N ALA B 91 -13.54 18.65 -1.31
CA ALA B 91 -12.14 18.81 -0.94
C ALA B 91 -12.07 19.82 0.18
N LYS B 92 -12.56 21.04 -0.06
CA LYS B 92 -12.53 22.09 0.94
C LYS B 92 -13.18 21.61 2.23
N LEU B 93 -14.34 20.95 2.11
CA LEU B 93 -15.02 20.40 3.27
C LEU B 93 -14.10 19.46 4.04
N TYR B 94 -13.53 18.51 3.31
CA TYR B 94 -12.63 17.54 3.88
C TYR B 94 -11.37 18.15 4.52
N ILE B 95 -10.85 19.24 3.94
CA ILE B 95 -9.65 19.84 4.52
C ILE B 95 -10.01 20.41 5.89
N GLU B 96 -11.11 21.18 5.95
CA GLU B 96 -11.61 21.76 7.21
C GLU B 96 -11.90 20.66 8.21
N LEU B 97 -12.45 19.57 7.71
CA LEU B 97 -12.85 18.44 8.54
C LEU B 97 -11.71 17.62 9.13
N LEU B 98 -10.68 17.35 8.31
CA LEU B 98 -9.60 16.42 8.70
C LEU B 98 -8.40 17.16 9.28
N ASN B 99 -8.48 18.49 9.30
CA ASN B 99 -7.37 19.33 9.74
C ASN B 99 -6.11 19.03 8.95
N LEU B 100 -6.24 19.10 7.63
CA LEU B 100 -5.11 18.94 6.74
C LEU B 100 -4.45 20.30 6.51
N PRO B 101 -3.10 20.31 6.50
CA PRO B 101 -2.36 21.50 6.07
C PRO B 101 -2.92 21.96 4.73
N ARG B 102 -3.45 23.17 4.72
CA ARG B 102 -4.12 23.68 3.55
C ARG B 102 -3.15 23.89 2.37
N ASP B 103 -1.86 23.81 2.65
CA ASP B 103 -0.84 24.00 1.62
C ASP B 103 -0.12 22.68 1.33
N GLY B 104 -0.65 21.59 1.89
CA GLY B 104 -0.06 20.28 1.71
C GLY B 104 -0.56 19.49 0.53
N LYS B 105 0.17 18.41 0.23
CA LYS B 105 -0.10 17.60 -0.95
C LYS B 105 -1.51 17.01 -0.96
N ASP B 106 -2.00 16.54 0.20
CA ASP B 106 -3.35 15.98 0.29
C ASP B 106 -4.36 17.02 -0.17
N ALA B 107 -4.29 18.18 0.48
CA ALA B 107 -5.21 19.25 0.18
C ALA B 107 -5.14 19.54 -1.31
N LEU B 108 -3.95 19.81 -1.84
CA LEU B 108 -3.80 20.16 -3.24
C LEU B 108 -4.23 19.03 -4.21
N LYS B 109 -4.01 17.77 -3.85
CA LYS B 109 -4.40 16.69 -4.74
C LYS B 109 -5.93 16.70 -4.90
N LEU B 110 -6.62 16.86 -3.78
CA LEU B 110 -8.08 16.95 -3.78
C LEU B 110 -8.54 18.18 -4.52
N LEU B 111 -7.98 19.34 -4.18
CA LEU B 111 -8.47 20.60 -4.74
C LEU B 111 -8.30 20.69 -6.26
N ASN B 112 -7.12 20.32 -6.76
CA ASN B 112 -6.84 20.43 -8.17
C ASN B 112 -7.10 19.12 -8.91
N TYR B 113 -8.11 18.37 -8.49
CA TYR B 113 -8.39 17.08 -9.14
C TYR B 113 -8.98 17.22 -10.54
N ARG B 114 -8.48 16.44 -11.49
CA ARG B 114 -8.99 16.46 -12.87
C ARG B 114 -9.84 15.23 -13.21
N THR B 115 -9.20 14.15 -13.65
CA THR B 115 -9.92 12.93 -14.05
C THR B 115 -8.98 11.73 -14.08
N GLY B 124 -7.66 6.45 -8.35
CA GLY B 124 -7.84 6.92 -9.71
C GLY B 124 -8.76 8.11 -9.77
N ASP B 125 -10.01 7.90 -9.38
CA ASP B 125 -10.99 8.97 -9.33
C ASP B 125 -10.95 9.77 -8.03
N PHE B 126 -11.83 10.75 -7.90
CA PHE B 126 -11.82 11.63 -6.74
C PHE B 126 -12.05 10.84 -5.45
N ALA B 127 -12.95 9.88 -5.51
CA ALA B 127 -13.25 9.05 -4.35
C ALA B 127 -12.01 8.28 -3.89
N MET B 128 -11.21 7.77 -4.81
CA MET B 128 -10.00 7.07 -4.38
C MET B 128 -9.00 7.99 -3.66
N ILE B 129 -8.78 9.17 -4.21
CA ILE B 129 -7.90 10.13 -3.57
C ILE B 129 -8.44 10.44 -2.19
N ALA B 130 -9.74 10.67 -2.13
CA ALA B 130 -10.37 10.98 -0.86
C ALA B 130 -10.28 9.76 0.06
N TYR B 131 -10.36 8.59 -0.53
CA TYR B 131 -10.26 7.40 0.28
C TYR B 131 -8.88 7.30 0.95
N PHE B 132 -7.84 7.54 0.17
CA PHE B 132 -6.49 7.35 0.66
C PHE B 132 -6.04 8.39 1.66
N VAL B 133 -6.64 9.57 1.60
CA VAL B 133 -6.44 10.59 2.60
C VAL B 133 -7.22 10.22 3.87
N LEU B 134 -8.43 9.72 3.70
CA LEU B 134 -9.24 9.28 4.84
C LEU B 134 -8.65 8.07 5.55
N LYS B 135 -8.11 7.14 4.77
CA LYS B 135 -7.77 5.81 5.30
C LYS B 135 -6.94 5.84 6.59
N PRO B 136 -5.84 6.62 6.63
CA PRO B 136 -4.99 6.64 7.84
C PRO B 136 -5.47 7.63 8.90
N ARG B 137 -6.45 8.44 8.57
CA ARG B 137 -6.85 9.53 9.45
C ARG B 137 -8.23 9.27 10.05
N CYS B 138 -9.10 8.64 9.27
CA CYS B 138 -10.47 8.32 9.72
C CYS B 138 -10.58 6.87 10.13
N LEU B 139 -10.80 6.65 11.42
CA LEU B 139 -10.81 5.29 11.97
C LEU B 139 -12.20 4.77 12.31
N GLN B 140 -13.18 5.67 12.33
CA GLN B 140 -14.53 5.32 12.76
C GLN B 140 -15.18 4.17 11.99
N LYS B 141 -16.12 3.50 12.67
CA LYS B 141 -17.03 2.54 12.06
C LYS B 141 -18.32 3.28 11.62
N GLY B 142 -19.01 2.80 10.59
CA GLY B 142 -20.22 3.43 10.16
C GLY B 142 -21.32 3.31 11.17
N SER B 143 -22.31 4.20 11.08
CA SER B 143 -23.47 4.16 11.98
C SER B 143 -24.79 4.11 11.22
N LEU B 144 -24.78 4.67 10.03
CA LEU B 144 -25.98 4.88 9.26
C LEU B 144 -26.49 3.62 8.60
N THR B 145 -27.81 3.56 8.46
CA THR B 145 -28.46 2.54 7.65
C THR B 145 -28.63 3.03 6.21
N ILE B 146 -28.90 2.09 5.32
CA ILE B 146 -29.15 2.42 3.93
C ILE B 146 -30.24 3.49 3.85
N GLN B 147 -31.23 3.39 4.72
CA GLN B 147 -32.25 4.44 4.80
C GLN B 147 -31.73 5.82 5.22
N GLN B 148 -30.98 5.86 6.30
CA GLN B 148 -30.46 7.11 6.81
C GLN B 148 -29.62 7.81 5.75
N VAL B 149 -28.78 7.05 5.06
CA VAL B 149 -28.05 7.56 3.90
C VAL B 149 -29.01 8.10 2.84
N ASN B 150 -30.08 7.36 2.59
CA ASN B 150 -31.03 7.79 1.59
C ASN B 150 -31.78 9.04 1.97
N ASP B 151 -32.20 9.10 3.22
CA ASP B 151 -32.80 10.31 3.76
C ASP B 151 -31.87 11.51 3.68
N LEU B 152 -30.59 11.33 4.02
CA LEU B 152 -29.61 12.43 4.02
C LEU B 152 -29.33 12.93 2.63
N LEU B 153 -29.25 11.99 1.69
CA LEU B 153 -29.09 12.37 0.30
C LEU B 153 -30.30 13.15 -0.21
N ASP B 154 -31.49 12.74 0.24
CA ASP B 154 -32.70 13.46 -0.13
C ASP B 154 -32.50 14.90 0.26
N SER B 155 -32.00 15.10 1.47
CA SER B 155 -31.82 16.42 2.06
C SER B 155 -30.85 17.26 1.24
N ILE B 156 -29.81 16.63 0.75
CA ILE B 156 -28.85 17.32 -0.10
C ILE B 156 -29.54 17.76 -1.39
N ALA B 157 -30.29 16.85 -2.01
CA ALA B 157 -30.99 17.19 -3.24
C ALA B 157 -32.01 18.29 -2.99
N SER B 158 -32.73 18.19 -1.89
CA SER B 158 -33.81 19.11 -1.55
C SER B 158 -33.22 20.50 -1.38
N ASN B 159 -32.13 20.59 -0.64
CA ASN B 159 -31.57 21.90 -0.37
C ASN B 159 -30.82 22.49 -1.55
N ASN B 160 -30.35 21.62 -2.44
CA ASN B 160 -29.76 22.08 -3.68
C ASN B 160 -30.82 22.78 -4.50
N SER B 161 -31.99 22.19 -4.59
CA SER B 161 -33.08 22.83 -5.29
C SER B 161 -33.43 24.20 -4.69
N ALA B 162 -33.33 24.33 -3.37
CA ALA B 162 -33.73 25.56 -2.69
C ALA B 162 -32.59 26.53 -2.58
N LYS B 163 -31.44 26.15 -3.12
CA LYS B 163 -30.22 26.94 -3.04
C LYS B 163 -29.85 27.26 -1.58
N ARG B 164 -29.99 26.27 -0.72
CA ARG B 164 -29.57 26.37 0.66
C ARG B 164 -28.28 25.58 0.85
N LYS B 165 -27.14 26.23 0.60
CA LYS B 165 -25.86 25.53 0.59
C LYS B 165 -25.40 25.09 1.97
N ASP B 166 -25.66 25.92 2.98
CA ASP B 166 -25.28 25.59 4.35
C ASP B 166 -25.94 24.28 4.80
N LEU B 167 -27.22 24.12 4.44
CA LEU B 167 -27.96 22.94 4.84
C LEU B 167 -27.52 21.73 4.02
N ILE B 168 -26.89 22.00 2.88
CA ILE B 168 -26.27 20.94 2.10
C ILE B 168 -25.00 20.52 2.81
N LYS B 169 -24.23 21.51 3.23
CA LYS B 169 -22.97 21.27 3.96
C LYS B 169 -23.23 20.43 5.21
N LYS B 170 -24.33 20.75 5.90
CA LYS B 170 -24.67 20.07 7.15
C LYS B 170 -25.09 18.61 6.96
N SER B 171 -25.78 18.32 5.87
CA SER B 171 -26.18 16.94 5.57
C SER B 171 -24.98 16.11 5.19
N LEU B 172 -24.13 16.69 4.37
CA LEU B 172 -22.88 16.05 4.04
C LEU B 172 -22.13 15.74 5.30
N LEU B 173 -22.12 16.70 6.23
CA LEU B 173 -21.44 16.57 7.51
C LEU B 173 -21.91 15.35 8.27
N GLN B 174 -23.22 15.22 8.38
CA GLN B 174 -23.76 14.05 9.04
C GLN B 174 -23.37 12.76 8.29
N LEU B 175 -23.46 12.77 6.96
CA LEU B 175 -23.03 11.63 6.16
C LEU B 175 -21.59 11.26 6.48
N ILE B 176 -20.72 12.25 6.39
CA ILE B 176 -19.29 12.05 6.52
C ILE B 176 -18.87 11.66 7.93
N THR B 177 -19.28 12.44 8.92
CA THR B 177 -18.82 12.20 10.29
C THR B 177 -19.42 10.93 10.90
N GLN B 178 -20.48 10.42 10.29
CA GLN B 178 -21.12 9.23 10.83
C GLN B 178 -20.75 7.98 10.06
N SER B 179 -19.88 8.14 9.06
CA SER B 179 -19.50 7.04 8.18
C SER B 179 -18.02 6.72 8.24
N SER B 180 -17.66 5.52 7.80
CA SER B 180 -16.28 5.07 7.74
C SER B 180 -15.63 5.50 6.42
N ALA B 181 -14.32 5.29 6.31
CA ALA B 181 -13.58 5.70 5.13
C ALA B 181 -14.13 4.97 3.92
N LEU B 182 -14.30 3.67 4.08
CA LEU B 182 -14.78 2.86 2.97
C LEU B 182 -16.19 3.28 2.61
N GLU B 183 -17.00 3.56 3.62
CA GLU B 183 -18.33 4.03 3.33
C GLU B 183 -18.27 5.36 2.55
N GLN B 184 -17.31 6.20 2.88
CA GLN B 184 -17.23 7.50 2.26
C GLN B 184 -16.81 7.45 0.79
N LYS B 185 -15.89 6.55 0.47
CA LYS B 185 -15.52 6.31 -0.91
C LYS B 185 -16.78 6.00 -1.73
N TRP B 186 -17.61 5.09 -1.23
CA TRP B 186 -18.81 4.73 -1.98
C TRP B 186 -19.87 5.82 -1.99
N LEU B 187 -20.06 6.48 -0.85
CA LEU B 187 -20.90 7.67 -0.81
C LEU B 187 -20.52 8.62 -1.93
N ILE B 188 -19.22 8.96 -2.02
CA ILE B 188 -18.75 9.89 -3.02
C ILE B 188 -19.11 9.45 -4.42
N ARG B 189 -18.82 8.19 -4.75
CA ARG B 189 -19.17 7.71 -6.07
C ARG B 189 -20.67 7.80 -6.29
N MET B 190 -21.46 7.48 -5.26
CA MET B 190 -22.92 7.54 -5.36
C MET B 190 -23.44 8.95 -5.64
N ILE B 191 -22.69 9.95 -5.21
CA ILE B 191 -23.04 11.36 -5.42
C ILE B 191 -22.72 11.83 -6.83
N ILE B 192 -21.54 11.48 -7.31
CA ILE B 192 -21.14 11.73 -8.69
C ILE B 192 -21.93 10.82 -9.63
N LYS B 193 -22.57 9.80 -9.08
CA LYS B 193 -23.38 8.89 -9.88
C LYS B 193 -22.49 8.16 -10.89
N ASP B 194 -21.39 7.60 -10.41
CA ASP B 194 -20.52 6.80 -11.26
C ASP B 194 -19.78 5.80 -10.36
N LEU B 195 -20.34 4.61 -10.20
CA LEU B 195 -19.81 3.68 -9.21
C LEU B 195 -18.52 2.93 -9.60
N LYS B 196 -18.23 2.88 -10.90
CA LYS B 196 -17.08 2.09 -11.42
C LYS B 196 -17.08 0.61 -11.04
N LEU B 197 -18.24 -0.06 -11.07
CA LEU B 197 -18.30 -1.45 -10.62
C LEU B 197 -17.75 -2.43 -11.62
N GLY B 198 -17.73 -2.04 -12.89
CA GLY B 198 -17.26 -2.95 -13.93
C GLY B 198 -18.35 -3.96 -14.20
N VAL B 199 -19.60 -3.51 -14.08
CA VAL B 199 -20.78 -4.37 -14.24
C VAL B 199 -21.91 -3.54 -14.80
N SER B 200 -22.48 -3.95 -15.93
CA SER B 200 -23.52 -3.16 -16.59
C SER B 200 -24.84 -3.19 -15.83
N GLN B 201 -25.68 -2.18 -16.10
CA GLN B 201 -27.02 -2.12 -15.52
C GLN B 201 -27.89 -3.25 -16.09
N GLN B 202 -27.60 -3.66 -17.33
CA GLN B 202 -28.31 -4.81 -17.89
C GLN B 202 -27.97 -6.06 -17.07
N THR B 203 -26.70 -6.21 -16.69
CA THR B 203 -26.26 -7.29 -15.81
C THR B 203 -26.97 -7.23 -14.43
N ILE B 204 -26.86 -6.09 -13.77
CA ILE B 204 -27.55 -5.90 -12.50
C ILE B 204 -29.01 -6.28 -12.59
N PHE B 205 -29.70 -5.77 -13.62
CA PHE B 205 -31.11 -6.03 -13.81
C PHE B 205 -31.38 -7.51 -14.00
N SER B 206 -30.46 -8.19 -14.69
CA SER B 206 -30.59 -9.60 -15.03
C SER B 206 -30.58 -10.47 -13.80
N VAL B 207 -29.69 -10.14 -12.88
CA VAL B 207 -29.58 -10.89 -11.66
C VAL B 207 -30.74 -10.59 -10.71
N PHE B 208 -31.27 -9.37 -10.77
CA PHE B 208 -32.37 -9.00 -9.89
C PHE B 208 -33.66 -9.73 -10.26
N HIS B 209 -34.05 -9.63 -11.52
CA HIS B 209 -35.25 -10.31 -11.98
C HIS B 209 -35.20 -10.49 -13.49
N ASN B 210 -35.69 -11.65 -13.93
CA ASN B 210 -35.86 -11.95 -15.35
C ASN B 210 -36.58 -10.84 -16.13
N ASP B 211 -37.52 -10.16 -15.48
CA ASP B 211 -38.32 -9.17 -16.18
C ASP B 211 -37.93 -7.73 -15.88
N ALA B 212 -36.94 -7.55 -14.99
CA ALA B 212 -36.48 -6.22 -14.57
C ALA B 212 -36.09 -5.25 -15.71
N ALA B 213 -35.17 -5.68 -16.57
CA ALA B 213 -34.70 -4.86 -17.68
C ALA B 213 -35.87 -4.48 -18.58
N GLU B 214 -36.68 -5.47 -18.94
CA GLU B 214 -37.85 -5.19 -19.76
C GLU B 214 -38.79 -4.17 -19.12
N LEU B 215 -39.09 -4.37 -17.84
CA LEU B 215 -39.99 -3.49 -17.10
C LEU B 215 -39.48 -2.04 -17.02
N HIS B 216 -38.18 -1.87 -16.79
CA HIS B 216 -37.56 -0.54 -16.70
C HIS B 216 -37.59 0.12 -18.07
N ASN B 217 -37.63 -0.70 -19.12
CA ASN B 217 -37.74 -0.18 -20.48
C ASN B 217 -39.07 0.54 -20.77
N VAL B 218 -40.11 0.27 -19.98
CA VAL B 218 -41.39 0.93 -20.22
C VAL B 218 -41.79 1.88 -19.10
N THR B 219 -41.02 1.85 -18.01
CA THR B 219 -41.24 2.75 -16.88
C THR B 219 -39.88 3.06 -16.33
N THR B 220 -39.32 4.20 -16.72
CA THR B 220 -37.97 4.52 -16.26
C THR B 220 -38.02 4.82 -14.76
N ASP B 221 -38.28 3.77 -13.97
CA ASP B 221 -38.55 3.92 -12.54
C ASP B 221 -38.06 2.71 -11.77
N LEU B 222 -36.89 2.85 -11.15
CA LEU B 222 -36.27 1.77 -10.40
C LEU B 222 -37.23 1.22 -9.36
N GLU B 223 -38.02 2.14 -8.79
CA GLU B 223 -38.89 1.84 -7.65
C GLU B 223 -40.03 0.90 -8.06
N LYS B 224 -40.65 1.15 -9.19
CA LYS B 224 -41.69 0.25 -9.68
C LYS B 224 -41.06 -1.12 -9.98
N VAL B 225 -39.92 -1.08 -10.64
CA VAL B 225 -39.14 -2.28 -10.87
C VAL B 225 -39.01 -3.13 -9.62
N CYS B 226 -38.39 -2.57 -8.57
CA CYS B 226 -38.11 -3.35 -7.36
C CYS B 226 -39.41 -3.84 -6.71
N ARG B 227 -40.34 -2.92 -6.53
CA ARG B 227 -41.64 -3.26 -5.96
C ARG B 227 -42.40 -4.35 -6.76
N GLN B 228 -42.59 -4.12 -8.05
CA GLN B 228 -43.42 -5.05 -8.82
C GLN B 228 -42.80 -6.43 -9.04
N LEU B 229 -41.48 -6.50 -9.05
CA LEU B 229 -40.78 -7.78 -9.18
C LEU B 229 -40.00 -8.19 -7.93
N HIS B 230 -40.61 -8.06 -6.76
CA HIS B 230 -39.94 -8.42 -5.51
C HIS B 230 -39.71 -9.93 -5.37
N ASP B 231 -40.69 -10.73 -5.81
CA ASP B 231 -40.51 -12.17 -5.81
C ASP B 231 -39.90 -12.57 -7.15
N PRO B 232 -38.68 -13.14 -7.10
CA PRO B 232 -37.93 -13.52 -8.28
C PRO B 232 -38.53 -14.67 -9.06
N SER B 233 -39.63 -15.25 -8.56
CA SER B 233 -40.23 -16.42 -9.19
C SER B 233 -41.66 -16.19 -9.70
N VAL B 234 -42.16 -14.98 -9.47
CA VAL B 234 -43.39 -14.54 -10.09
C VAL B 234 -43.00 -13.61 -11.24
N GLY B 235 -43.33 -14.00 -12.46
CA GLY B 235 -42.99 -13.18 -13.60
C GLY B 235 -44.13 -12.23 -13.88
N LEU B 236 -43.86 -11.19 -14.66
CA LEU B 236 -44.91 -10.25 -15.02
C LEU B 236 -45.35 -10.51 -16.44
N SER B 237 -46.66 -10.59 -16.59
CA SER B 237 -47.28 -10.91 -17.87
C SER B 237 -47.60 -9.64 -18.66
N ASP B 238 -47.28 -9.66 -19.94
CA ASP B 238 -47.52 -8.52 -20.83
C ASP B 238 -47.14 -7.16 -20.25
N ILE B 239 -45.84 -6.91 -20.23
CA ILE B 239 -45.24 -5.66 -19.80
C ILE B 239 -45.34 -4.66 -20.94
N SER B 240 -45.96 -3.52 -20.73
CA SER B 240 -46.14 -2.59 -21.85
C SER B 240 -46.14 -1.11 -21.52
N ILE B 241 -46.01 -0.32 -22.57
CA ILE B 241 -46.02 1.13 -22.47
C ILE B 241 -47.33 1.61 -21.88
N THR B 242 -47.24 2.20 -20.69
CA THR B 242 -48.43 2.65 -19.99
C THR B 242 -48.43 4.16 -19.81
N LEU B 243 -49.62 4.76 -19.75
CA LEU B 243 -49.79 6.21 -19.66
C LEU B 243 -49.16 6.84 -18.41
N PHE B 244 -48.40 7.91 -18.63
CA PHE B 244 -47.67 8.66 -17.58
C PHE B 244 -46.42 7.93 -17.05
N SER B 245 -46.10 6.80 -17.68
CA SER B 245 -44.84 6.13 -17.45
C SER B 245 -43.90 6.39 -18.60
N ALA B 246 -42.69 6.83 -18.29
CA ALA B 246 -41.69 7.07 -19.33
C ALA B 246 -41.06 5.76 -19.86
N PHE B 247 -41.33 5.45 -21.11
CA PHE B 247 -40.70 4.29 -21.74
C PHE B 247 -39.43 4.73 -22.47
N LYS B 248 -38.41 3.88 -22.52
CA LYS B 248 -37.21 4.23 -23.27
C LYS B 248 -37.55 4.21 -24.75
N PRO B 249 -37.17 5.28 -25.44
CA PRO B 249 -37.50 5.44 -26.86
C PRO B 249 -36.91 4.32 -27.72
N MET B 250 -37.62 3.97 -28.78
CA MET B 250 -37.06 3.10 -29.78
C MET B 250 -35.97 3.85 -30.51
N LEU B 251 -34.85 3.18 -30.77
CA LEU B 251 -33.73 3.83 -31.45
C LEU B 251 -33.48 3.22 -32.84
N ALA B 252 -32.78 3.96 -33.68
CA ALA B 252 -32.49 3.53 -35.05
C ALA B 252 -31.04 3.10 -35.26
N ALA B 253 -30.84 2.05 -36.06
CA ALA B 253 -29.48 1.61 -36.38
C ALA B 253 -28.87 2.35 -37.57
N ILE B 254 -27.58 2.66 -37.46
CA ILE B 254 -26.79 3.28 -38.53
C ILE B 254 -26.80 2.42 -39.80
N ALA B 255 -27.02 3.04 -40.96
CA ALA B 255 -27.11 2.26 -42.21
C ALA B 255 -26.34 2.82 -43.43
N ASP B 256 -25.69 1.92 -44.17
CA ASP B 256 -25.01 2.23 -45.44
C ASP B 256 -26.03 2.31 -46.57
N ILE B 257 -25.90 3.32 -47.42
CA ILE B 257 -26.78 3.45 -48.57
C ILE B 257 -26.71 2.21 -49.48
N GLU B 258 -25.52 1.61 -49.60
CA GLU B 258 -25.32 0.52 -50.55
C GLU B 258 -26.06 -0.78 -50.22
N HIS B 259 -26.46 -1.00 -48.97
CA HIS B 259 -27.12 -2.27 -48.64
C HIS B 259 -28.54 -2.08 -48.08
N ILE B 260 -29.25 -1.07 -48.58
CA ILE B 260 -30.55 -0.69 -48.04
C ILE B 260 -31.70 -1.58 -48.51
N GLU B 261 -31.70 -1.91 -49.80
CA GLU B 261 -32.76 -2.71 -50.42
C GLU B 261 -33.00 -4.03 -49.67
N LYS B 262 -31.92 -4.74 -49.35
CA LYS B 262 -32.00 -5.96 -48.55
C LYS B 262 -32.45 -5.65 -47.12
N ASP B 263 -31.84 -4.65 -46.50
CA ASP B 263 -32.17 -4.25 -45.14
C ASP B 263 -33.67 -4.07 -44.89
N MET B 264 -34.36 -3.57 -45.92
CA MET B 264 -35.79 -3.37 -45.81
C MET B 264 -36.54 -4.54 -46.43
N LYS B 265 -35.86 -5.68 -46.45
CA LYS B 265 -36.44 -6.97 -46.80
C LYS B 265 -37.07 -7.02 -48.19
N HIS B 266 -36.51 -6.23 -49.11
CA HIS B 266 -36.93 -6.19 -50.51
C HIS B 266 -38.40 -5.80 -50.75
N GLN B 267 -39.04 -5.27 -49.70
CA GLN B 267 -40.40 -4.76 -49.83
C GLN B 267 -40.36 -3.23 -49.72
N SER B 268 -41.55 -2.62 -49.65
CA SER B 268 -41.67 -1.17 -49.56
C SER B 268 -41.40 -0.66 -48.14
N PHE B 269 -40.83 0.55 -48.04
CA PHE B 269 -40.50 1.16 -46.76
C PHE B 269 -40.82 2.65 -46.73
N TYR B 270 -40.69 3.26 -45.55
CA TYR B 270 -40.85 4.72 -45.43
C TYR B 270 -39.49 5.43 -45.37
N ILE B 271 -39.37 6.54 -46.09
CA ILE B 271 -38.28 7.47 -45.85
C ILE B 271 -38.88 8.70 -45.17
N GLU B 272 -38.35 9.00 -43.98
CA GLU B 272 -38.88 10.04 -43.12
C GLU B 272 -37.77 11.00 -42.72
N THR B 273 -38.09 12.29 -42.59
CA THR B 273 -37.06 13.31 -42.34
C THR B 273 -36.36 13.10 -40.98
N LYS B 274 -35.04 13.26 -40.98
CA LYS B 274 -34.27 13.07 -39.74
C LYS B 274 -34.10 14.40 -39.01
N LEU B 275 -34.70 14.52 -37.84
CA LEU B 275 -34.75 15.83 -37.18
C LEU B 275 -33.80 15.92 -35.98
N ASP B 276 -32.91 16.92 -36.03
CA ASP B 276 -31.89 17.08 -34.99
C ASP B 276 -32.32 17.97 -33.83
N GLY B 277 -33.20 17.45 -32.99
CA GLY B 277 -33.68 18.15 -31.82
C GLY B 277 -33.75 17.29 -30.56
N GLU B 278 -34.61 17.68 -29.62
CA GLU B 278 -34.78 16.94 -28.37
C GLU B 278 -35.86 15.86 -28.50
N ARG B 279 -35.44 14.62 -28.42
CA ARG B 279 -36.37 13.49 -28.34
C ARG B 279 -37.26 13.60 -27.08
N MET B 280 -38.56 13.50 -27.26
CA MET B 280 -39.52 13.76 -26.21
C MET B 280 -40.79 13.00 -26.54
N GLN B 281 -41.41 12.40 -25.52
CA GLN B 281 -42.71 11.75 -25.66
C GLN B 281 -43.74 12.61 -24.92
N MET B 282 -44.94 12.73 -25.48
CA MET B 282 -46.00 13.46 -24.80
C MET B 282 -47.10 12.52 -24.31
N HIS B 283 -47.45 12.65 -23.03
CA HIS B 283 -48.51 11.86 -22.42
C HIS B 283 -49.69 12.75 -22.09
N LYS B 284 -50.85 12.42 -22.64
CA LYS B 284 -52.02 13.29 -22.52
C LYS B 284 -53.23 12.51 -22.04
N ASP B 285 -53.92 13.10 -21.05
CA ASP B 285 -55.20 12.61 -20.63
C ASP B 285 -56.05 13.87 -20.43
N GLY B 286 -56.90 14.16 -21.42
CA GLY B 286 -57.71 15.35 -21.37
C GLY B 286 -56.84 16.58 -21.18
N ASP B 287 -57.10 17.32 -20.11
CA ASP B 287 -56.38 18.56 -19.84
C ASP B 287 -55.02 18.31 -19.19
N VAL B 288 -54.63 17.05 -19.03
CA VAL B 288 -53.39 16.71 -18.30
C VAL B 288 -52.26 16.17 -19.19
N TYR B 289 -51.10 16.82 -19.13
CA TYR B 289 -49.94 16.43 -19.94
C TYR B 289 -48.69 16.21 -19.08
N LYS B 290 -47.89 15.22 -19.45
CA LYS B 290 -46.52 15.05 -18.95
C LYS B 290 -45.58 14.85 -20.13
N TYR B 291 -44.34 15.32 -20.01
CA TYR B 291 -43.36 15.10 -21.09
C TYR B 291 -42.06 14.47 -20.58
N PHE B 292 -41.60 13.42 -21.27
CA PHE B 292 -40.36 12.74 -20.88
C PHE B 292 -39.26 12.78 -21.96
N SER B 293 -38.03 12.95 -21.51
CA SER B 293 -36.87 12.98 -22.38
C SER B 293 -36.34 11.57 -22.65
N ARG B 294 -35.27 11.47 -23.42
CA ARG B 294 -34.67 10.18 -23.77
C ARG B 294 -34.30 9.37 -22.53
N ASN B 295 -33.98 10.06 -21.43
CA ASN B 295 -33.58 9.32 -20.23
C ASN B 295 -34.65 9.28 -19.16
N GLY B 296 -35.86 9.68 -19.55
CA GLY B 296 -37.01 9.56 -18.68
C GLY B 296 -37.05 10.68 -17.69
N TYR B 297 -36.49 11.81 -18.11
CA TYR B 297 -36.55 12.99 -17.27
C TYR B 297 -37.83 13.75 -17.59
N ASN B 298 -38.38 14.37 -16.56
CA ASN B 298 -39.64 15.04 -16.69
C ASN B 298 -39.43 16.49 -17.12
N TYR B 299 -39.90 16.82 -18.32
CA TYR B 299 -39.81 18.18 -18.84
C TYR B 299 -41.19 18.83 -18.92
N THR B 300 -42.09 18.38 -18.07
CA THR B 300 -43.44 18.91 -18.05
C THR B 300 -43.43 20.40 -17.68
N ASP B 301 -42.61 20.77 -16.68
CA ASP B 301 -42.50 22.17 -16.25
C ASP B 301 -42.27 23.13 -17.40
N GLN B 302 -41.45 22.69 -18.35
CA GLN B 302 -41.13 23.49 -19.53
C GLN B 302 -42.25 23.52 -20.57
N PHE B 303 -42.74 22.35 -20.94
CA PHE B 303 -43.64 22.26 -22.07
C PHE B 303 -45.07 22.56 -21.65
N GLY B 304 -45.41 22.22 -20.41
CA GLY B 304 -46.74 22.52 -19.91
C GLY B 304 -47.60 21.35 -19.50
N ALA B 305 -48.08 21.41 -18.25
CA ALA B 305 -48.86 20.31 -17.64
C ALA B 305 -50.35 20.39 -17.96
N SER B 306 -50.78 21.59 -18.31
CA SER B 306 -52.19 21.88 -18.50
C SER B 306 -52.20 22.87 -19.63
N PRO B 307 -53.33 22.97 -20.35
CA PRO B 307 -53.47 23.91 -21.46
C PRO B 307 -53.45 25.38 -21.04
N THR B 308 -53.26 25.65 -19.75
CA THR B 308 -53.19 27.02 -19.27
C THR B 308 -51.75 27.35 -18.85
N GLU B 309 -50.85 26.38 -19.02
CA GLU B 309 -49.46 26.55 -18.58
C GLU B 309 -48.49 25.91 -19.58
N GLY B 310 -47.30 26.49 -19.69
CA GLY B 310 -46.26 25.88 -20.49
C GLY B 310 -45.90 26.64 -21.76
N SER B 311 -44.91 26.12 -22.47
CA SER B 311 -44.37 26.76 -23.66
C SER B 311 -44.90 26.11 -24.92
N LEU B 312 -45.57 24.97 -24.77
CA LEU B 312 -46.04 24.19 -25.90
C LEU B 312 -47.50 23.76 -25.75
N THR B 313 -47.79 23.14 -24.61
CA THR B 313 -49.12 22.64 -24.34
C THR B 313 -50.30 23.56 -24.72
N PRO B 314 -50.24 24.85 -24.35
CA PRO B 314 -51.40 25.70 -24.68
C PRO B 314 -51.60 25.93 -26.19
N PHE B 315 -50.52 25.78 -26.96
CA PHE B 315 -50.59 26.07 -28.38
C PHE B 315 -50.96 24.84 -29.20
N ILE B 316 -51.08 23.69 -28.54
CA ILE B 316 -51.35 22.45 -29.26
C ILE B 316 -52.57 21.71 -28.74
N HIS B 317 -52.92 22.00 -27.49
CA HIS B 317 -54.02 21.34 -26.82
C HIS B 317 -55.27 21.32 -27.67
N ASN B 318 -55.56 22.45 -28.32
CA ASN B 318 -56.77 22.55 -29.12
C ASN B 318 -56.61 22.06 -30.56
N ALA B 319 -55.49 21.39 -30.83
CA ALA B 319 -55.21 20.82 -32.15
C ALA B 319 -55.61 19.36 -32.18
N PHE B 320 -55.86 18.80 -31.01
CA PHE B 320 -56.23 17.40 -30.84
C PHE B 320 -57.68 17.20 -31.29
N LYS B 321 -57.89 16.24 -32.17
CA LYS B 321 -59.24 15.96 -32.71
C LYS B 321 -60.26 15.60 -31.63
N ALA B 322 -61.53 15.71 -31.97
CA ALA B 322 -62.61 15.62 -30.96
C ALA B 322 -62.67 14.31 -30.20
N ASP B 323 -62.52 13.18 -30.88
CA ASP B 323 -62.65 11.89 -30.23
C ASP B 323 -61.43 11.52 -29.35
N ILE B 324 -60.45 12.41 -29.30
CA ILE B 324 -59.16 12.14 -28.66
C ILE B 324 -59.07 12.59 -27.19
N GLN B 325 -59.12 11.62 -26.28
CA GLN B 325 -59.05 11.88 -24.84
C GLN B 325 -57.65 11.60 -24.27
N ILE B 326 -57.12 10.43 -24.60
CA ILE B 326 -55.80 10.00 -24.15
C ILE B 326 -54.90 9.66 -25.32
N CYS B 327 -53.66 10.13 -25.30
CA CYS B 327 -52.66 9.59 -26.25
C CYS B 327 -51.21 9.69 -25.80
N ILE B 328 -50.34 8.94 -26.48
CA ILE B 328 -48.90 8.95 -26.23
C ILE B 328 -48.16 9.14 -27.54
N LEU B 329 -47.46 10.25 -27.67
CA LEU B 329 -46.73 10.53 -28.88
C LEU B 329 -45.24 10.48 -28.69
N ASP B 330 -44.55 10.13 -29.76
CA ASP B 330 -43.11 10.17 -29.81
C ASP B 330 -42.73 11.20 -30.88
N GLY B 331 -41.68 11.99 -30.61
CA GLY B 331 -41.20 12.97 -31.56
C GLY B 331 -39.95 13.74 -31.15
N GLU B 332 -39.63 14.78 -31.91
CA GLU B 332 -38.47 15.61 -31.60
C GLU B 332 -38.90 17.05 -31.33
N MET B 333 -38.48 17.62 -30.21
CA MET B 333 -38.77 19.03 -29.97
C MET B 333 -37.77 19.89 -30.74
N MET B 334 -38.30 20.81 -31.52
CA MET B 334 -37.48 21.66 -32.35
C MET B 334 -37.68 23.08 -31.90
N ALA B 335 -36.69 23.92 -32.13
CA ALA B 335 -36.87 25.34 -32.00
C ALA B 335 -37.17 25.91 -33.38
N TYR B 336 -38.28 26.62 -33.48
CA TYR B 336 -38.75 27.09 -34.77
C TYR B 336 -38.65 28.60 -34.78
N ASN B 337 -38.22 29.12 -35.92
CA ASN B 337 -38.22 30.55 -36.14
C ASN B 337 -39.39 30.89 -37.07
N PRO B 338 -40.40 31.58 -36.54
CA PRO B 338 -41.56 31.89 -37.36
C PRO B 338 -41.18 32.77 -38.52
N ASN B 339 -40.32 33.75 -38.28
CA ASN B 339 -40.04 34.76 -39.29
C ASN B 339 -39.33 34.22 -40.51
N THR B 340 -38.63 33.10 -40.37
CA THR B 340 -37.90 32.54 -41.49
C THR B 340 -38.47 31.19 -41.84
N GLN B 341 -39.40 30.73 -41.01
CA GLN B 341 -40.09 29.45 -41.20
C GLN B 341 -39.10 28.29 -41.24
N THR B 342 -38.13 28.31 -40.33
CA THR B 342 -37.01 27.36 -40.29
C THR B 342 -36.85 26.73 -38.91
N PHE B 343 -36.45 25.46 -38.86
CA PHE B 343 -36.01 24.84 -37.61
C PHE B 343 -34.57 25.23 -37.31
N MET B 344 -34.27 25.53 -36.06
CA MET B 344 -32.92 25.92 -35.66
C MET B 344 -32.10 24.72 -35.15
N GLN B 345 -30.96 24.47 -35.81
CA GLN B 345 -30.06 23.37 -35.43
C GLN B 345 -29.51 23.54 -34.03
N LYS B 346 -29.11 22.45 -33.40
CA LYS B 346 -28.62 22.47 -32.02
C LYS B 346 -27.35 23.29 -31.81
N GLY B 347 -26.41 23.22 -32.75
CA GLY B 347 -25.16 23.95 -32.64
C GLY B 347 -25.12 25.36 -33.21
N THR B 348 -25.20 26.36 -32.33
CA THR B 348 -25.12 27.76 -32.75
C THR B 348 -24.47 28.60 -31.65
N LYS B 349 -23.75 29.65 -32.03
CA LYS B 349 -23.16 30.59 -31.08
C LYS B 349 -24.22 31.25 -30.20
N PHE B 350 -25.45 31.27 -30.69
CA PHE B 350 -26.57 31.87 -29.98
C PHE B 350 -27.19 30.88 -28.95
N ASP B 351 -28.13 31.37 -28.15
CA ASP B 351 -28.68 30.62 -27.01
C ASP B 351 -30.13 30.23 -27.25
N ILE B 352 -30.34 29.09 -27.90
CA ILE B 352 -31.67 28.61 -28.32
C ILE B 352 -32.69 28.53 -27.17
N LYS B 353 -32.27 27.94 -26.06
CA LYS B 353 -33.11 27.77 -24.88
C LYS B 353 -33.70 29.10 -24.42
N ARG B 354 -32.90 30.16 -24.53
CA ARG B 354 -33.33 31.49 -24.11
C ARG B 354 -34.10 32.26 -25.20
N MET B 355 -33.66 32.13 -26.45
CA MET B 355 -34.38 32.71 -27.58
C MET B 355 -35.80 32.15 -27.64
N VAL B 356 -35.93 30.86 -27.33
CA VAL B 356 -37.24 30.23 -27.24
C VAL B 356 -38.02 30.90 -26.12
N GLU B 357 -37.33 31.21 -25.02
CA GLU B 357 -37.94 31.91 -23.88
C GLU B 357 -38.32 33.36 -24.13
N ASP B 358 -37.50 34.06 -24.92
CA ASP B 358 -37.71 35.49 -25.18
C ASP B 358 -38.73 35.70 -26.29
N SER B 359 -39.26 34.59 -26.82
CA SER B 359 -40.28 34.58 -27.87
C SER B 359 -39.78 35.03 -29.26
N ASP B 360 -38.48 34.85 -29.52
CA ASP B 360 -37.92 35.02 -30.86
C ASP B 360 -37.99 33.69 -31.60
N LEU B 361 -38.22 32.64 -30.83
CA LEU B 361 -38.25 31.28 -31.32
C LEU B 361 -39.36 30.61 -30.55
N GLN B 362 -39.89 29.53 -31.10
CA GLN B 362 -40.94 28.80 -30.41
C GLN B 362 -40.71 27.30 -30.48
N THR B 363 -41.11 26.58 -29.43
CA THR B 363 -41.09 25.12 -29.44
C THR B 363 -42.07 24.58 -30.48
N CYS B 364 -41.63 23.61 -31.26
CA CYS B 364 -42.51 22.89 -32.17
C CYS B 364 -42.34 21.40 -31.96
N TYR B 365 -43.43 20.75 -31.59
CA TYR B 365 -43.37 19.31 -31.40
C TYR B 365 -43.50 18.62 -32.76
N CYS B 366 -42.51 17.83 -33.14
CA CYS B 366 -42.58 17.13 -34.42
C CYS B 366 -42.77 15.64 -34.22
N VAL B 367 -43.96 15.16 -34.50
CA VAL B 367 -44.35 13.81 -34.08
C VAL B 367 -44.18 12.77 -35.18
N PHE B 368 -43.60 11.62 -34.85
CA PHE B 368 -43.46 10.56 -35.84
C PHE B 368 -43.99 9.20 -35.36
N ASP B 369 -44.66 9.17 -34.20
CA ASP B 369 -45.24 7.90 -33.72
C ASP B 369 -46.26 8.06 -32.61
N VAL B 370 -47.19 7.09 -32.54
CA VAL B 370 -48.21 7.08 -31.49
C VAL B 370 -48.29 5.71 -30.84
N LEU B 371 -48.35 5.69 -29.51
CA LEU B 371 -48.21 4.43 -28.79
C LEU B 371 -49.49 4.02 -28.12
N MET B 372 -50.35 5.00 -27.90
CA MET B 372 -51.63 4.73 -27.29
C MET B 372 -52.60 5.80 -27.70
N VAL B 373 -53.83 5.40 -27.96
CA VAL B 373 -54.91 6.36 -28.14
C VAL B 373 -56.12 5.80 -27.42
N ASN B 374 -56.63 6.62 -26.51
CA ASN B 374 -57.74 6.25 -25.66
C ASN B 374 -57.51 4.89 -24.99
N ASN B 375 -58.37 3.93 -25.27
CA ASN B 375 -58.27 2.60 -24.65
C ASN B 375 -57.18 1.71 -25.28
N LYS B 376 -56.88 1.93 -26.56
CA LYS B 376 -56.03 1.01 -27.33
C LYS B 376 -54.51 1.25 -27.24
N LYS B 377 -53.77 0.17 -27.11
CA LYS B 377 -52.32 0.26 -27.00
C LYS B 377 -51.71 -0.09 -28.36
N LEU B 378 -50.85 0.78 -28.88
CA LEU B 378 -50.45 0.70 -30.27
C LEU B 378 -49.05 0.12 -30.43
N GLY B 379 -48.43 -0.25 -29.31
CA GLY B 379 -47.08 -0.76 -29.33
C GLY B 379 -46.90 -1.91 -30.29
N HIS B 380 -47.88 -2.81 -30.31
CA HIS B 380 -47.72 -4.02 -31.12
C HIS B 380 -48.37 -3.91 -32.49
N GLU B 381 -48.90 -2.74 -32.81
CA GLU B 381 -49.36 -2.48 -34.16
C GLU B 381 -48.16 -2.39 -35.08
N THR B 382 -48.38 -2.69 -36.36
CA THR B 382 -47.36 -2.51 -37.37
C THR B 382 -47.26 -1.02 -37.59
N LEU B 383 -46.12 -0.54 -38.03
CA LEU B 383 -45.92 0.90 -38.24
C LEU B 383 -46.99 1.49 -39.15
N ARG B 384 -47.37 0.79 -40.23
CA ARG B 384 -48.37 1.34 -41.17
C ARG B 384 -49.62 1.78 -40.41
N LYS B 385 -50.14 0.91 -39.54
CA LYS B 385 -51.33 1.23 -38.76
C LYS B 385 -51.07 2.41 -37.81
N ARG B 386 -49.91 2.43 -37.17
CA ARG B 386 -49.58 3.52 -36.24
C ARG B 386 -49.55 4.87 -36.97
N TYR B 387 -48.96 4.89 -38.16
CA TYR B 387 -49.00 6.06 -39.02
C TYR B 387 -50.44 6.35 -39.46
N GLU B 388 -51.16 5.32 -39.88
CA GLU B 388 -52.54 5.52 -40.27
C GLU B 388 -53.26 6.20 -39.11
N ILE B 389 -53.14 5.60 -37.93
CA ILE B 389 -53.73 6.15 -36.70
C ILE B 389 -53.30 7.60 -36.42
N LEU B 390 -52.00 7.85 -36.53
CA LEU B 390 -51.43 9.15 -36.19
C LEU B 390 -52.16 10.32 -36.84
N SER B 391 -52.54 10.15 -38.11
CA SER B 391 -53.26 11.20 -38.86
C SER B 391 -54.59 11.65 -38.24
N SER B 392 -55.15 10.82 -37.37
CA SER B 392 -56.45 11.12 -36.78
C SER B 392 -56.34 11.57 -35.31
N ILE B 393 -55.12 11.75 -34.82
CA ILE B 393 -54.92 12.24 -33.45
C ILE B 393 -55.13 13.75 -33.40
N PHE B 394 -54.43 14.49 -34.26
CA PHE B 394 -54.57 15.94 -34.28
C PHE B 394 -54.52 16.57 -35.68
N THR B 395 -55.07 17.78 -35.79
CA THR B 395 -54.91 18.61 -36.98
C THR B 395 -53.68 19.49 -36.78
N PRO B 396 -52.64 19.28 -37.60
CA PRO B 396 -51.34 19.94 -37.41
C PRO B 396 -51.41 21.45 -37.47
N ILE B 397 -50.56 22.09 -36.68
CA ILE B 397 -50.36 23.54 -36.73
C ILE B 397 -48.91 23.77 -37.08
N PRO B 398 -48.64 24.25 -38.31
CA PRO B 398 -47.26 24.46 -38.75
C PRO B 398 -46.49 25.29 -37.74
N GLY B 399 -45.34 24.79 -37.32
CA GLY B 399 -44.53 25.49 -36.34
C GLY B 399 -44.82 25.21 -34.87
N ARG B 400 -45.91 24.50 -34.55
CA ARG B 400 -46.17 24.12 -33.15
C ARG B 400 -46.24 22.62 -32.99
N ILE B 401 -46.99 21.98 -33.86
CA ILE B 401 -47.07 20.54 -33.81
C ILE B 401 -47.35 19.99 -35.20
N GLU B 402 -46.38 19.22 -35.68
CA GLU B 402 -46.46 18.70 -37.03
C GLU B 402 -46.24 17.21 -37.03
N ILE B 403 -46.81 16.56 -38.03
CA ILE B 403 -46.39 15.22 -38.38
C ILE B 403 -45.13 15.35 -39.22
N VAL B 404 -44.10 14.65 -38.80
CA VAL B 404 -42.87 14.63 -39.57
C VAL B 404 -43.18 14.13 -40.98
N GLN B 405 -42.64 14.87 -41.95
CA GLN B 405 -42.76 14.54 -43.36
C GLN B 405 -42.18 13.16 -43.66
N LYS B 406 -42.90 12.38 -44.47
CA LYS B 406 -42.39 11.08 -44.91
C LYS B 406 -42.98 10.67 -46.28
N THR B 407 -42.32 9.71 -46.94
CA THR B 407 -42.86 9.13 -48.18
C THR B 407 -42.55 7.64 -48.30
N GLN B 408 -43.14 6.99 -49.28
CA GLN B 408 -42.93 5.56 -49.52
C GLN B 408 -41.98 5.33 -50.68
N ALA B 409 -41.08 4.35 -50.56
CA ALA B 409 -40.05 4.14 -51.56
C ALA B 409 -39.62 2.68 -51.62
N HIS B 410 -38.95 2.29 -52.70
CA HIS B 410 -38.45 0.91 -52.80
C HIS B 410 -37.08 0.72 -53.49
N THR B 411 -36.52 1.81 -54.02
CA THR B 411 -35.25 1.76 -54.76
C THR B 411 -34.16 2.44 -53.94
N LYS B 412 -32.91 1.98 -54.07
CA LYS B 412 -31.80 2.66 -53.41
C LYS B 412 -31.63 4.06 -53.97
N ASN B 413 -31.81 4.19 -55.28
CA ASN B 413 -31.75 5.47 -55.94
C ASN B 413 -32.65 6.43 -55.18
N GLU B 414 -33.81 5.92 -54.77
CA GLU B 414 -34.74 6.73 -54.01
C GLU B 414 -34.13 7.20 -52.69
N VAL B 415 -33.51 6.29 -51.95
CA VAL B 415 -32.89 6.64 -50.67
C VAL B 415 -31.78 7.68 -50.87
N ILE B 416 -31.11 7.60 -52.02
CA ILE B 416 -30.08 8.57 -52.37
C ILE B 416 -30.65 9.98 -52.60
N ASP B 417 -31.67 10.04 -53.45
CA ASP B 417 -32.36 11.29 -53.75
C ASP B 417 -32.89 11.97 -52.50
N ALA B 418 -33.35 11.16 -51.56
CA ALA B 418 -33.87 11.70 -50.32
C ALA B 418 -32.73 12.30 -49.52
N LEU B 419 -31.62 11.56 -49.46
CA LEU B 419 -30.49 12.00 -48.67
C LEU B 419 -29.91 13.28 -49.22
N ASN B 420 -29.75 13.33 -50.55
CA ASN B 420 -29.33 14.53 -51.26
C ASN B 420 -30.19 15.73 -50.88
N GLU B 421 -31.51 15.56 -50.99
CA GLU B 421 -32.46 16.63 -50.70
C GLU B 421 -32.36 17.06 -49.24
N ALA B 422 -32.25 16.08 -48.35
CA ALA B 422 -32.11 16.33 -46.91
C ALA B 422 -30.88 17.17 -46.55
N ILE B 423 -29.73 16.81 -47.11
CA ILE B 423 -28.50 17.51 -46.79
C ILE B 423 -28.58 18.92 -47.34
N ASP B 424 -29.17 19.04 -48.51
CA ASP B 424 -29.34 20.33 -49.16
C ASP B 424 -30.24 21.24 -48.34
N LYS B 425 -31.25 20.65 -47.69
CA LYS B 425 -32.13 21.40 -46.80
C LYS B 425 -31.52 21.52 -45.42
N ARG B 426 -30.32 20.97 -45.26
CA ARG B 426 -29.51 21.06 -44.02
C ARG B 426 -30.03 20.22 -42.87
N GLU B 427 -30.84 19.22 -43.20
CA GLU B 427 -31.20 18.22 -42.22
C GLU B 427 -29.97 17.32 -42.05
N GLU B 428 -29.92 16.56 -40.97
CA GLU B 428 -28.70 15.81 -40.62
C GLU B 428 -28.50 14.51 -41.40
N GLY B 429 -29.59 13.92 -41.88
CA GLY B 429 -29.55 12.64 -42.59
C GLY B 429 -30.97 12.24 -42.91
N ILE B 430 -31.23 10.94 -43.12
CA ILE B 430 -32.62 10.49 -43.28
C ILE B 430 -32.86 9.22 -42.49
N MET B 431 -34.14 8.95 -42.23
CA MET B 431 -34.53 7.69 -41.60
C MET B 431 -35.16 6.76 -42.65
N VAL B 432 -34.87 5.48 -42.55
CA VAL B 432 -35.63 4.48 -43.30
C VAL B 432 -36.28 3.48 -42.32
N LYS B 433 -37.59 3.27 -42.47
CA LYS B 433 -38.34 2.46 -41.51
C LYS B 433 -39.20 1.35 -42.15
N GLN B 434 -39.18 0.16 -41.56
CA GLN B 434 -40.02 -0.94 -42.04
C GLN B 434 -41.48 -0.78 -41.60
N PRO B 435 -42.40 -0.72 -42.59
CA PRO B 435 -43.83 -0.50 -42.37
C PRO B 435 -44.52 -1.58 -41.54
N LEU B 436 -44.03 -2.82 -41.55
CA LEU B 436 -44.62 -3.91 -40.76
C LEU B 436 -44.04 -3.98 -39.35
N SER B 437 -43.13 -3.07 -39.02
CA SER B 437 -42.42 -3.16 -37.74
C SER B 437 -43.26 -2.68 -36.53
N ILE B 438 -43.12 -3.39 -35.40
CA ILE B 438 -43.72 -2.94 -34.15
C ILE B 438 -42.75 -2.03 -33.41
N TYR B 439 -43.24 -1.37 -32.36
CA TYR B 439 -42.42 -0.41 -31.63
C TYR B 439 -41.67 -1.07 -30.49
N LYS B 440 -40.34 -1.06 -30.58
CA LYS B 440 -39.52 -1.78 -29.60
C LYS B 440 -38.65 -0.84 -28.74
N PRO B 441 -39.11 -0.56 -27.52
CA PRO B 441 -38.45 0.37 -26.59
C PRO B 441 -36.98 0.03 -26.33
N ASP B 442 -36.10 1.02 -26.51
CA ASP B 442 -34.67 0.89 -26.14
C ASP B 442 -33.91 -0.10 -27.00
N LYS B 443 -34.59 -0.71 -27.95
CA LYS B 443 -33.91 -1.59 -28.89
C LYS B 443 -33.51 -0.76 -30.09
N ARG B 444 -32.24 -0.87 -30.50
CA ARG B 444 -31.74 -0.12 -31.64
C ARG B 444 -31.75 -0.99 -32.88
N GLY B 445 -32.29 -0.44 -33.96
CA GLY B 445 -32.43 -1.20 -35.19
C GLY B 445 -33.82 -1.77 -35.30
N GLU B 446 -33.89 -3.09 -35.46
CA GLU B 446 -35.13 -3.73 -35.86
C GLU B 446 -35.70 -2.95 -37.04
N GLY B 447 -36.91 -2.43 -36.92
CA GLY B 447 -37.53 -1.74 -38.04
C GLY B 447 -37.01 -0.36 -38.46
N TRP B 448 -36.18 0.25 -37.62
CA TRP B 448 -35.73 1.64 -37.83
C TRP B 448 -34.26 1.81 -38.21
N LEU B 449 -34.01 2.46 -39.34
CA LEU B 449 -32.63 2.76 -39.72
C LEU B 449 -32.39 4.24 -39.93
N LYS B 450 -31.18 4.68 -39.61
CA LYS B 450 -30.80 6.04 -39.96
C LYS B 450 -29.65 5.97 -40.95
N ILE B 451 -29.65 6.91 -41.90
CA ILE B 451 -28.59 7.02 -42.90
C ILE B 451 -28.09 8.45 -42.91
N LYS B 452 -26.78 8.62 -42.72
CA LYS B 452 -26.10 9.93 -42.80
C LYS B 452 -25.06 9.86 -43.91
N PRO B 453 -24.48 11.03 -44.31
CA PRO B 453 -23.42 10.98 -45.33
C PRO B 453 -22.24 10.09 -44.90
N GLU B 454 -21.98 10.04 -43.60
CA GLU B 454 -20.83 9.27 -43.08
C GLU B 454 -20.95 7.77 -43.39
N ASP B 461 -14.02 17.97 -46.36
CA ASP B 461 -12.96 17.98 -45.36
C ASP B 461 -12.52 19.41 -45.04
N GLU B 462 -13.40 20.17 -44.41
CA GLU B 462 -13.06 21.54 -44.02
C GLU B 462 -12.58 22.41 -45.18
N LEU B 463 -13.26 22.35 -46.33
CA LEU B 463 -12.92 23.21 -47.46
C LEU B 463 -13.30 24.66 -47.20
N ASP B 464 -12.38 25.57 -47.46
CA ASP B 464 -12.65 26.99 -47.29
C ASP B 464 -12.80 27.60 -48.68
N ILE B 465 -14.04 27.73 -49.10
CA ILE B 465 -14.33 28.29 -50.41
C ILE B 465 -15.16 29.59 -50.26
N LEU B 466 -15.40 30.26 -51.38
CA LEU B 466 -16.00 31.60 -51.37
C LEU B 466 -17.43 31.63 -51.89
N ILE B 467 -18.26 32.48 -51.30
CA ILE B 467 -19.58 32.72 -51.84
C ILE B 467 -19.43 33.64 -53.04
N VAL B 468 -20.03 33.26 -54.17
CA VAL B 468 -19.95 34.08 -55.36
C VAL B 468 -21.30 34.33 -56.00
N GLY B 469 -22.33 33.71 -55.46
CA GLY B 469 -23.66 33.93 -55.97
C GLY B 469 -24.75 33.30 -55.13
N GLY B 470 -25.99 33.64 -55.45
CA GLY B 470 -27.13 33.18 -54.67
C GLY B 470 -28.40 32.95 -55.45
N TYR B 471 -29.33 32.29 -54.80
CA TYR B 471 -30.63 31.93 -55.35
C TYR B 471 -31.72 32.26 -54.33
N TRP B 472 -32.87 32.74 -54.79
CA TRP B 472 -34.04 32.91 -53.93
C TRP B 472 -34.96 31.74 -54.11
N GLY B 473 -35.29 31.12 -52.98
CA GLY B 473 -36.18 29.98 -52.97
C GLY B 473 -37.11 30.07 -51.78
N LYS B 474 -37.94 29.04 -51.62
CA LYS B 474 -38.93 28.98 -50.55
C LYS B 474 -38.32 29.40 -49.24
N GLY B 475 -39.09 30.15 -48.45
CA GLY B 475 -38.67 30.61 -47.12
C GLY B 475 -38.90 32.10 -46.94
N GLY B 479 -37.62 36.75 -50.15
CA GLY B 479 -37.20 36.76 -48.75
C GLY B 479 -35.71 36.59 -48.59
N MET B 480 -35.34 35.54 -47.84
CA MET B 480 -33.94 35.13 -47.67
C MET B 480 -33.53 34.30 -48.89
N MET B 481 -32.26 33.88 -48.94
CA MET B 481 -31.78 33.03 -50.04
C MET B 481 -31.87 31.56 -49.71
N SER B 482 -32.11 30.75 -50.73
CA SER B 482 -32.22 29.32 -50.52
C SER B 482 -30.85 28.64 -50.60
N HIS B 483 -30.01 29.09 -51.53
CA HIS B 483 -28.73 28.45 -51.78
C HIS B 483 -27.67 29.52 -52.05
N PHE B 484 -26.41 29.15 -51.83
CA PHE B 484 -25.27 29.95 -52.25
C PHE B 484 -24.55 29.21 -53.35
N LEU B 485 -23.98 29.95 -54.31
CA LEU B 485 -23.05 29.38 -55.30
C LEU B 485 -21.62 29.68 -54.89
N CYS B 486 -20.80 28.63 -54.75
CA CYS B 486 -19.44 28.79 -54.24
C CYS B 486 -18.33 28.44 -55.25
N ALA B 487 -17.14 29.03 -55.05
CA ALA B 487 -16.10 28.95 -56.08
C ALA B 487 -14.73 28.77 -55.46
N VAL B 488 -13.75 28.40 -56.29
CA VAL B 488 -12.39 28.34 -55.82
C VAL B 488 -11.56 29.36 -56.60
N ALA B 489 -10.41 29.69 -56.06
CA ALA B 489 -9.58 30.71 -56.69
C ALA B 489 -8.63 30.12 -57.75
N GLU B 490 -8.55 30.81 -58.87
CA GLU B 490 -7.58 30.53 -59.89
C GLU B 490 -6.31 31.19 -59.41
N LYS B 491 -5.19 30.47 -59.38
CA LYS B 491 -3.93 31.09 -58.93
C LYS B 491 -3.62 32.30 -59.78
N PRO B 492 -3.51 33.46 -59.15
CA PRO B 492 -3.24 34.71 -59.83
C PRO B 492 -1.74 34.84 -60.11
N PRO B 493 -1.35 35.88 -60.86
CA PRO B 493 0.05 36.26 -60.99
C PRO B 493 0.66 36.47 -59.61
N PRO B 494 2.00 36.33 -59.49
CA PRO B 494 2.71 36.34 -58.20
C PRO B 494 2.37 37.46 -57.20
N GLY B 495 2.49 38.72 -57.59
CA GLY B 495 2.18 39.81 -56.67
C GLY B 495 0.71 40.06 -56.41
N GLU B 496 -0.15 39.40 -57.18
CA GLU B 496 -1.57 39.74 -57.17
C GLU B 496 -2.44 38.85 -56.31
N LYS B 497 -3.52 39.44 -55.82
CA LYS B 497 -4.61 38.72 -55.17
C LYS B 497 -5.44 38.09 -56.27
N PRO B 498 -6.15 37.00 -55.93
CA PRO B 498 -6.99 36.35 -56.94
C PRO B 498 -7.95 37.32 -57.61
N SER B 499 -8.22 37.09 -58.89
CA SER B 499 -9.12 37.93 -59.65
C SER B 499 -10.14 37.11 -60.42
N VAL B 500 -9.88 35.81 -60.57
CA VAL B 500 -10.82 34.95 -61.27
C VAL B 500 -11.19 33.77 -60.38
N PHE B 501 -12.46 33.39 -60.37
CA PHE B 501 -12.91 32.29 -59.52
C PHE B 501 -13.68 31.28 -60.37
N HIS B 502 -13.53 29.98 -60.08
CA HIS B 502 -14.26 28.94 -60.82
C HIS B 502 -15.31 28.32 -59.92
N THR B 503 -16.56 28.30 -60.36
CA THR B 503 -17.65 27.73 -59.56
C THR B 503 -17.44 26.25 -59.27
N LEU B 504 -17.78 25.83 -58.05
CA LEU B 504 -17.52 24.45 -57.64
C LEU B 504 -18.77 23.68 -57.17
N SER B 505 -19.63 24.34 -56.42
CA SER B 505 -20.79 23.65 -55.88
C SER B 505 -21.90 24.60 -55.48
N ARG B 506 -23.15 24.21 -55.73
CA ARG B 506 -24.25 24.81 -54.99
C ARG B 506 -24.19 24.28 -53.56
N VAL B 507 -24.83 24.99 -52.65
CA VAL B 507 -24.97 24.49 -51.29
C VAL B 507 -26.14 25.21 -50.65
N GLY B 508 -26.90 24.47 -49.85
CA GLY B 508 -28.01 25.06 -49.12
C GLY B 508 -27.58 26.12 -48.12
N SER B 509 -28.37 27.19 -48.08
CA SER B 509 -28.11 28.34 -47.24
C SER B 509 -29.32 28.75 -46.40
N GLY B 510 -30.16 27.79 -46.04
CA GLY B 510 -31.30 28.07 -45.17
C GLY B 510 -30.87 28.38 -43.74
N CYS B 511 -31.48 29.41 -43.16
CA CYS B 511 -31.07 29.93 -41.86
C CYS B 511 -31.46 29.05 -40.67
N THR B 512 -30.90 27.85 -40.65
CA THR B 512 -31.05 26.91 -39.56
C THR B 512 -30.16 27.38 -38.41
N MET B 513 -29.22 28.26 -38.72
CA MET B 513 -28.47 28.95 -37.67
C MET B 513 -28.48 30.48 -37.87
N LYS B 514 -28.42 31.22 -36.77
CA LYS B 514 -28.56 32.67 -36.83
C LYS B 514 -27.45 33.34 -37.64
N GLU B 515 -26.29 32.72 -37.67
CA GLU B 515 -25.17 33.31 -38.37
C GLU B 515 -25.34 33.25 -39.89
N LEU B 516 -26.06 32.26 -40.42
CA LEU B 516 -26.41 32.30 -41.84
C LEU B 516 -27.40 33.42 -42.13
N TYR B 517 -28.37 33.56 -41.25
CA TYR B 517 -29.33 34.63 -41.32
C TYR B 517 -28.62 35.96 -41.26
N ASP B 518 -27.77 36.08 -40.26
CA ASP B 518 -27.00 37.27 -40.06
C ASP B 518 -26.10 37.51 -41.25
N LEU B 519 -25.54 36.42 -41.78
CA LEU B 519 -24.69 36.53 -42.96
C LEU B 519 -25.42 37.23 -44.09
N GLY B 520 -26.60 36.71 -44.42
CA GLY B 520 -27.41 37.25 -45.49
C GLY B 520 -27.77 38.72 -45.36
N LEU B 521 -28.05 39.19 -44.15
CA LEU B 521 -28.35 40.60 -44.01
C LEU B 521 -27.10 41.46 -44.32
N LYS B 522 -25.91 40.94 -44.05
CA LYS B 522 -24.71 41.70 -44.38
C LYS B 522 -24.61 41.81 -45.90
N LEU B 523 -24.93 40.73 -46.60
CA LEU B 523 -24.69 40.63 -48.03
C LEU B 523 -25.72 41.30 -48.94
N ALA B 524 -26.90 41.59 -48.43
CA ALA B 524 -28.01 42.06 -49.28
C ALA B 524 -27.59 43.20 -50.19
N LYS B 525 -26.86 44.16 -49.64
CA LYS B 525 -26.43 45.34 -50.41
C LYS B 525 -25.45 45.04 -51.51
N TYR B 526 -24.83 43.87 -51.52
CA TYR B 526 -23.77 43.56 -52.47
C TYR B 526 -24.23 42.69 -53.65
N TRP B 527 -25.36 42.03 -53.50
CA TRP B 527 -25.90 41.22 -54.60
C TRP B 527 -26.18 41.99 -55.89
N LYS B 528 -25.83 41.39 -57.02
CA LYS B 528 -26.04 41.95 -58.36
C LYS B 528 -26.60 40.89 -59.30
N PRO B 529 -27.46 41.31 -60.24
CA PRO B 529 -28.07 40.35 -61.18
C PRO B 529 -27.00 39.66 -62.02
N PHE B 530 -27.13 38.35 -62.17
CA PHE B 530 -26.26 37.59 -63.05
C PHE B 530 -26.92 37.44 -64.42
N HIS B 531 -26.24 37.88 -65.47
CA HIS B 531 -26.74 37.80 -66.84
C HIS B 531 -26.01 36.73 -67.63
N ARG B 532 -26.73 35.67 -68.04
CA ARG B 532 -26.12 34.62 -68.83
C ARG B 532 -25.47 35.26 -70.06
N LYS B 533 -26.18 36.19 -70.70
CA LYS B 533 -25.71 36.83 -71.93
C LYS B 533 -24.55 37.82 -71.75
N ALA B 534 -24.19 38.13 -70.51
CA ALA B 534 -23.07 39.04 -70.23
C ALA B 534 -22.58 38.92 -68.78
N PRO B 535 -21.98 37.78 -68.44
CA PRO B 535 -21.58 37.42 -67.08
C PRO B 535 -20.36 38.20 -66.59
N PRO B 536 -20.05 38.15 -65.28
CA PRO B 536 -18.81 38.77 -64.78
C PRO B 536 -17.57 37.95 -65.08
N SER B 537 -16.47 38.63 -65.35
CA SER B 537 -15.21 37.96 -65.66
C SER B 537 -14.61 37.28 -64.43
N SER B 538 -14.98 37.78 -63.25
CA SER B 538 -14.38 37.32 -62.01
C SER B 538 -14.93 35.96 -61.62
N ILE B 539 -16.08 35.60 -62.18
CA ILE B 539 -16.71 34.31 -61.88
C ILE B 539 -17.03 33.50 -63.12
N LEU B 540 -16.28 32.43 -63.33
CA LEU B 540 -16.52 31.54 -64.45
C LEU B 540 -17.39 30.38 -64.01
N CYS B 541 -18.49 30.15 -64.74
CA CYS B 541 -19.45 29.12 -64.41
C CYS B 541 -19.39 27.86 -65.26
N GLY B 542 -19.96 26.78 -64.71
CA GLY B 542 -20.23 25.59 -65.50
C GLY B 542 -21.60 25.81 -66.09
N THR B 543 -22.35 24.76 -66.32
CA THR B 543 -23.70 24.95 -66.85
C THR B 543 -24.54 25.77 -65.86
N GLU B 544 -24.22 25.65 -64.57
CA GLU B 544 -25.00 26.27 -63.51
C GLU B 544 -24.72 27.77 -63.35
N LYS B 545 -25.78 28.57 -63.27
CA LYS B 545 -25.71 30.02 -63.20
C LYS B 545 -26.49 30.55 -62.00
N PRO B 546 -25.89 31.46 -61.23
CA PRO B 546 -26.57 32.06 -60.08
C PRO B 546 -27.64 33.07 -60.55
N GLU B 547 -28.72 33.28 -59.79
CA GLU B 547 -29.67 34.35 -60.10
C GLU B 547 -28.97 35.70 -59.88
N VAL B 548 -28.21 35.78 -58.80
CA VAL B 548 -27.43 36.96 -58.51
C VAL B 548 -26.02 36.49 -58.18
N TYR B 549 -25.04 37.37 -58.40
CA TYR B 549 -23.64 37.11 -58.04
C TYR B 549 -23.13 38.23 -57.12
N ILE B 550 -21.90 38.08 -56.63
CA ILE B 550 -21.31 39.05 -55.73
C ILE B 550 -19.83 39.22 -56.04
N GLU B 551 -19.32 40.44 -56.05
CA GLU B 551 -17.88 40.64 -56.30
C GLU B 551 -17.16 39.91 -55.20
N PRO B 552 -16.20 39.05 -55.57
CA PRO B 552 -15.51 38.25 -54.55
C PRO B 552 -15.00 39.09 -53.39
N CYS B 553 -14.55 40.30 -53.66
CA CYS B 553 -13.97 41.10 -52.59
C CYS B 553 -15.00 41.51 -51.53
N ASN B 554 -16.26 41.66 -51.95
CA ASN B 554 -17.34 41.99 -51.02
C ASN B 554 -17.90 40.79 -50.26
N SER B 555 -17.53 39.58 -50.67
CA SER B 555 -18.10 38.34 -50.16
C SER B 555 -17.34 37.73 -48.97
N VAL B 556 -17.68 36.49 -48.63
CA VAL B 556 -17.16 35.86 -47.43
C VAL B 556 -16.83 34.40 -47.73
N ILE B 557 -15.76 33.90 -47.11
CA ILE B 557 -15.40 32.47 -47.15
C ILE B 557 -16.35 31.68 -46.24
N VAL B 558 -16.93 30.60 -46.77
CA VAL B 558 -17.64 29.63 -45.91
C VAL B 558 -16.76 28.39 -45.74
N GLN B 559 -16.79 27.78 -44.56
CA GLN B 559 -16.06 26.51 -44.41
C GLN B 559 -17.05 25.35 -44.57
N ILE B 560 -16.70 24.40 -45.44
CA ILE B 560 -17.64 23.38 -45.88
C ILE B 560 -17.22 21.92 -45.64
N LYS B 561 -18.12 21.12 -45.04
CA LYS B 561 -17.88 19.68 -44.87
C LYS B 561 -18.55 18.91 -46.05
N ALA B 562 -17.86 17.87 -46.55
CA ALA B 562 -18.35 17.13 -47.72
C ALA B 562 -17.87 15.70 -47.76
N ALA B 563 -18.64 14.84 -48.43
CA ALA B 563 -18.33 13.40 -48.42
C ALA B 563 -17.28 12.97 -49.43
N GLU B 564 -17.30 13.56 -50.63
CA GLU B 564 -16.30 13.25 -51.65
C GLU B 564 -16.40 14.26 -52.79
N ILE B 565 -15.50 14.16 -53.75
CA ILE B 565 -15.51 15.01 -54.93
C ILE B 565 -15.91 14.16 -56.11
N VAL B 566 -16.99 14.56 -56.77
CA VAL B 566 -17.52 13.80 -57.90
C VAL B 566 -17.52 14.69 -59.14
N PRO B 567 -17.40 14.07 -60.32
CA PRO B 567 -17.49 14.78 -61.60
C PRO B 567 -18.82 15.52 -61.77
N SER B 568 -18.79 16.65 -62.45
CA SER B 568 -19.99 17.40 -62.80
C SER B 568 -19.53 18.47 -63.76
N ASP B 569 -20.33 18.73 -64.77
CA ASP B 569 -20.02 19.77 -65.75
C ASP B 569 -20.88 20.99 -65.47
N MET B 570 -21.62 20.91 -64.36
CA MET B 570 -22.49 21.98 -63.90
C MET B 570 -21.60 23.08 -63.36
N TYR B 571 -20.37 22.68 -63.04
CA TYR B 571 -19.43 23.58 -62.39
C TYR B 571 -18.11 23.65 -63.14
N LYS B 572 -17.59 24.87 -63.23
CA LYS B 572 -16.37 25.16 -63.97
C LYS B 572 -15.18 24.25 -63.58
N THR B 573 -15.18 23.71 -62.36
CA THR B 573 -14.09 22.86 -61.91
C THR B 573 -14.13 21.47 -62.54
N GLY B 574 -15.22 21.15 -63.24
CA GLY B 574 -15.35 19.82 -63.82
C GLY B 574 -15.73 18.76 -62.80
N CYS B 575 -15.96 19.24 -61.58
CA CYS B 575 -16.34 18.39 -60.48
C CYS B 575 -17.15 19.25 -59.51
N THR B 576 -17.67 18.58 -58.48
CA THR B 576 -18.42 19.26 -57.43
C THR B 576 -18.46 18.35 -56.19
N LEU B 577 -19.03 18.86 -55.11
CA LEU B 577 -19.00 18.16 -53.83
C LEU B 577 -20.27 17.38 -53.53
N ARG B 578 -20.09 16.12 -53.14
CA ARG B 578 -21.21 15.28 -52.67
C ARG B 578 -21.55 15.60 -51.20
N PHE B 579 -22.84 15.86 -50.95
CA PHE B 579 -23.34 16.24 -49.62
C PHE B 579 -22.62 17.39 -48.93
N PRO B 580 -22.48 18.55 -49.61
CA PRO B 580 -21.88 19.71 -48.95
C PRO B 580 -22.80 20.34 -47.91
N ARG B 581 -22.22 20.69 -46.78
CA ARG B 581 -22.91 21.41 -45.73
C ARG B 581 -22.06 22.59 -45.33
N ILE B 582 -22.68 23.75 -45.11
CA ILE B 582 -21.93 24.83 -44.48
C ILE B 582 -21.75 24.53 -42.99
N GLU B 583 -20.50 24.47 -42.53
CA GLU B 583 -20.27 24.27 -41.11
C GLU B 583 -20.02 25.57 -40.36
N LYS B 584 -19.24 26.48 -40.92
CA LYS B 584 -18.92 27.72 -40.24
C LYS B 584 -18.73 28.81 -41.28
N ILE B 585 -19.06 30.05 -40.91
CA ILE B 585 -18.77 31.21 -41.74
C ILE B 585 -17.42 31.78 -41.26
N ARG B 586 -16.41 31.83 -42.11
CA ARG B 586 -15.11 32.37 -41.69
C ARG B 586 -15.04 33.82 -42.06
N ASP B 587 -15.66 34.65 -41.22
CA ASP B 587 -15.57 36.10 -41.36
C ASP B 587 -14.25 36.58 -40.77
N ASP B 588 -13.54 35.65 -40.11
CA ASP B 588 -12.18 35.89 -39.66
C ASP B 588 -11.10 35.73 -40.76
N LYS B 589 -11.42 35.04 -41.84
CA LYS B 589 -10.52 34.97 -42.99
C LYS B 589 -10.83 36.11 -43.98
N GLU B 590 -10.05 36.23 -45.05
CA GLU B 590 -10.27 37.28 -46.04
C GLU B 590 -10.63 36.59 -47.33
N TRP B 591 -11.29 37.30 -48.24
CA TRP B 591 -11.80 36.66 -49.46
C TRP B 591 -10.67 36.06 -50.30
N HIS B 592 -9.51 36.70 -50.29
CA HIS B 592 -8.42 36.18 -51.09
C HIS B 592 -7.81 34.91 -50.51
N GLU B 593 -8.17 34.59 -49.27
CA GLU B 593 -7.65 33.39 -48.61
C GLU B 593 -8.41 32.15 -49.07
N CYS B 594 -9.17 32.29 -50.15
CA CYS B 594 -9.91 31.17 -50.73
C CYS B 594 -9.01 30.07 -51.24
N MET B 595 -9.43 28.81 -51.08
CA MET B 595 -8.67 27.71 -51.64
C MET B 595 -8.60 27.79 -53.18
N THR B 596 -7.63 27.12 -53.77
CA THR B 596 -7.35 27.32 -55.17
C THR B 596 -7.66 26.10 -56.04
N LEU B 597 -7.54 26.29 -57.34
CA LEU B 597 -7.63 25.18 -58.27
C LEU B 597 -6.65 24.10 -57.87
N ASP B 598 -5.39 24.48 -57.63
CA ASP B 598 -4.36 23.52 -57.24
C ASP B 598 -4.68 22.85 -55.90
N ASP B 599 -5.26 23.62 -54.98
CA ASP B 599 -5.68 23.06 -53.70
C ASP B 599 -6.71 21.97 -53.88
N LEU B 600 -7.60 22.19 -54.86
CA LEU B 600 -8.66 21.23 -55.18
C LEU B 600 -8.12 19.97 -55.88
N GLU B 601 -7.17 20.15 -56.78
CA GLU B 601 -6.57 19.03 -57.50
C GLU B 601 -5.97 18.04 -56.51
N GLN B 602 -5.18 18.56 -55.58
CA GLN B 602 -4.43 17.74 -54.63
C GLN B 602 -5.39 16.98 -53.73
N LEU B 603 -6.54 17.59 -53.49
CA LEU B 603 -7.58 16.98 -52.68
C LEU B 603 -8.21 15.76 -53.32
N ARG B 604 -8.16 15.70 -54.66
CA ARG B 604 -8.65 14.54 -55.38
C ARG B 604 -7.66 13.37 -55.33
#